data_6BND
#
_entry.id   6BND
#
_cell.length_a   74.520
_cell.length_b   155.240
_cell.length_c   66.410
_cell.angle_alpha   90.00
_cell.angle_beta   90.00
_cell.angle_gamma   90.00
#
_symmetry.space_group_name_H-M   'P 21 21 2'
#
loop_
_entity.id
_entity.type
_entity.pdbx_description
1 polymer 'Phosphoethanolamine transferase'
2 non-polymer 'ZINC ION'
3 non-polymer 'PHOSPHORIC ACID MONO-(2-AMINO-ETHYL) ESTER'
4 non-polymer 'SULFATE ION'
5 non-polymer 'POLYETHYLENE GLYCOL (N=34)'
6 water water
#
_entity_poly.entity_id   1
_entity_poly.type   'polypeptide(L)'
_entity_poly.pdbx_seq_one_letter_code
;MSYKNATKPTETIMHANDAIQKTTASTRKPRLVVMVVGETARADHASFNGYQRATFPHMDKLIGLGQVHNFGNVTSCGTS
AAYSVPCMFSYLGAEKYDVDTADYHENVIDTLDRLGVAILWRDNNSDSKGVMNRLPAKQYQDYKNSPLQGGNNTICHTNP
YDECRDVGMLVDLDDHVKAHANQDILIVLHQMGNHGPAYYKRYDDEFAQFLPVCTSSELAECERQTVINAYDNALLATDD
FLKQTIDWLAAQTHADTAMLYLSDHGESLGEKGVYLHGMPKAFAPKEQLSIPALLWLGADTPFAVANSPTAGFSHDAITP
TLLNLFDVSTQATADKTAFVNPLD
;
_entity_poly.pdbx_strand_id   A,B
#
loop_
_chem_comp.id
_chem_comp.type
_chem_comp.name
_chem_comp.formula
15P non-polymer 'POLYETHYLENE GLYCOL (N=34)' 'C69 H140 O35'
OPE non-polymer 'PHOSPHORIC ACID MONO-(2-AMINO-ETHYL) ESTER' 'C2 H8 N O4 P'
SO4 non-polymer 'SULFATE ION' 'O4 S -2'
ZN non-polymer 'ZINC ION' 'Zn 2'
#
# COMPACT_ATOMS: atom_id res chain seq x y z
N THR A 10 -0.39 23.26 -3.39
CA THR A 10 -1.24 22.08 -3.60
C THR A 10 -0.65 21.11 -4.61
N GLU A 11 -0.19 19.97 -4.10
CA GLU A 11 0.35 18.90 -4.92
C GLU A 11 -0.67 17.79 -5.15
N THR A 12 -1.95 18.10 -5.01
CA THR A 12 -3.01 17.09 -5.13
C THR A 12 -3.97 17.50 -6.22
N ILE A 13 -4.40 16.54 -7.04
CA ILE A 13 -5.40 16.83 -8.08
C ILE A 13 -6.75 16.89 -7.39
N MET A 14 -7.34 18.09 -7.30
CA MET A 14 -8.57 18.28 -6.52
C MET A 14 -9.83 17.97 -7.32
N HIS A 15 -10.83 17.41 -6.63
CA HIS A 15 -12.12 17.07 -7.22
C HIS A 15 -13.29 17.72 -6.50
N ALA A 16 -13.14 18.05 -5.22
CA ALA A 16 -14.24 18.55 -4.39
C ALA A 16 -13.79 19.76 -3.58
N ASN A 17 -12.99 20.62 -4.20
CA ASN A 17 -12.53 21.82 -3.53
C ASN A 17 -13.67 22.69 -3.03
N ASP A 18 -14.84 22.59 -3.65
CA ASP A 18 -16.01 23.35 -3.25
C ASP A 18 -16.77 22.70 -2.09
N ALA A 19 -16.31 21.59 -1.54
CA ALA A 19 -17.13 20.85 -0.58
C ALA A 19 -17.35 21.63 0.73
N ILE A 20 -18.59 21.57 1.21
CA ILE A 20 -18.97 22.18 2.48
C ILE A 20 -20.08 21.32 3.09
N GLN A 21 -20.07 21.20 4.42
CA GLN A 21 -21.16 20.48 5.11
C GLN A 21 -22.38 21.39 5.19
N LYS A 22 -23.53 20.84 4.88
CA LYS A 22 -24.75 21.64 4.97
C LYS A 22 -25.15 21.88 6.42
N THR A 23 -24.88 20.91 7.30
CA THR A 23 -25.11 21.01 8.73
C THR A 23 -23.95 20.33 9.43
N THR A 24 -23.71 20.71 10.69
CA THR A 24 -22.61 20.11 11.45
C THR A 24 -23.12 19.54 12.75
N ALA A 25 -22.28 18.70 13.36
CA ALA A 25 -22.58 18.13 14.67
C ALA A 25 -22.85 19.18 15.72
N SER A 26 -22.61 20.45 15.41
CA SER A 26 -22.92 21.54 16.32
C SER A 26 -24.38 21.94 16.27
N THR A 27 -25.13 21.51 15.25
CA THR A 27 -26.53 21.88 15.19
C THR A 27 -27.48 20.70 15.00
N ARG A 28 -26.97 19.48 14.87
CA ARG A 28 -27.81 18.29 14.87
C ARG A 28 -27.00 17.14 15.45
N LYS A 29 -27.60 15.96 15.52
CA LYS A 29 -26.90 14.83 16.10
C LYS A 29 -25.65 14.52 15.30
N PRO A 30 -24.54 14.22 15.98
CA PRO A 30 -23.33 13.75 15.30
C PRO A 30 -23.65 12.55 14.43
N ARG A 31 -22.95 12.44 13.29
CA ARG A 31 -23.05 11.29 12.40
C ARG A 31 -21.94 10.30 12.72
N LEU A 32 -22.27 8.99 12.75
CA LEU A 32 -21.30 7.95 13.04
C LEU A 32 -21.50 6.81 12.05
N VAL A 33 -20.52 6.61 11.17
CA VAL A 33 -20.60 5.69 10.04
C VAL A 33 -19.46 4.71 10.16
N VAL A 34 -19.79 3.42 10.03
CA VAL A 34 -18.79 2.38 9.87
C VAL A 34 -18.89 1.90 8.43
N MET A 35 -17.79 2.01 7.70
CA MET A 35 -17.68 1.48 6.36
C MET A 35 -16.86 0.19 6.44
N VAL A 36 -17.47 -0.96 6.07
CA VAL A 36 -16.76 -2.22 6.08
C VAL A 36 -16.29 -2.51 4.66
N VAL A 37 -14.98 -2.57 4.45
CA VAL A 37 -14.42 -2.99 3.15
C VAL A 37 -14.21 -4.50 3.25
N GLY A 38 -15.12 -5.29 2.63
CA GLY A 38 -15.03 -6.74 2.72
C GLY A 38 -13.95 -7.28 1.77
N GLU A 39 -13.87 -8.62 1.71
CA GLU A 39 -12.76 -9.26 1.00
C GLU A 39 -13.26 -10.57 0.41
N THR A 40 -13.27 -10.67 -0.92
CA THR A 40 -13.55 -11.93 -1.65
C THR A 40 -14.97 -12.52 -1.46
N ALA A 41 -15.89 -11.84 -0.77
CA ALA A 41 -17.27 -12.35 -0.71
C ALA A 41 -18.01 -12.08 -2.00
N ARG A 42 -18.76 -13.08 -2.49
CA ARG A 42 -19.45 -12.87 -3.75
C ARG A 42 -20.96 -12.87 -3.55
N ALA A 43 -21.67 -12.13 -4.40
CA ALA A 43 -23.09 -11.89 -4.17
C ALA A 43 -23.90 -13.18 -4.09
N ASP A 44 -23.65 -14.11 -5.02
CA ASP A 44 -24.65 -15.20 -5.12
C ASP A 44 -24.38 -16.32 -4.15
N HIS A 45 -23.39 -16.19 -3.23
CA HIS A 45 -23.32 -17.09 -2.07
C HIS A 45 -23.87 -16.48 -0.78
N ALA A 46 -24.49 -15.31 -0.87
CA ALA A 46 -25.18 -14.75 0.29
C ALA A 46 -26.62 -15.26 0.30
N SER A 47 -27.06 -15.78 1.44
CA SER A 47 -28.44 -16.23 1.53
C SER A 47 -29.44 -15.11 1.25
N PHE A 48 -29.06 -13.85 1.50
CA PHE A 48 -30.01 -12.78 1.17
C PHE A 48 -30.11 -12.51 -0.34
N ASN A 49 -29.22 -13.06 -1.17
CA ASN A 49 -29.43 -13.02 -2.62
C ASN A 49 -29.92 -14.35 -3.20
N GLY A 50 -30.45 -15.26 -2.35
CA GLY A 50 -31.09 -16.45 -2.86
C GLY A 50 -30.26 -17.72 -2.80
N TYR A 51 -29.04 -17.64 -2.26
CA TYR A 51 -28.22 -18.83 -2.11
C TYR A 51 -28.93 -19.85 -1.24
N GLN A 52 -28.86 -21.09 -1.62
CA GLN A 52 -29.61 -22.11 -0.91
C GLN A 52 -28.94 -22.68 0.32
N ARG A 53 -28.36 -21.80 1.11
CA ARG A 53 -27.71 -22.17 2.32
C ARG A 53 -27.71 -20.94 3.20
N ALA A 54 -27.93 -21.08 4.50
CA ALA A 54 -27.95 -19.87 5.35
C ALA A 54 -26.53 -19.45 5.69
N THR A 55 -25.93 -18.70 4.77
CA THR A 55 -24.58 -18.13 4.97
C THR A 55 -24.61 -16.85 5.77
N PHE A 56 -25.72 -16.09 5.77
CA PHE A 56 -25.81 -14.82 6.50
C PHE A 56 -27.05 -14.80 7.40
N PRO A 57 -27.11 -15.70 8.38
CA PRO A 57 -28.36 -15.78 9.17
C PRO A 57 -28.64 -14.53 9.96
N HIS A 58 -27.59 -13.86 10.50
CA HIS A 58 -27.87 -12.66 11.30
C HIS A 58 -28.34 -11.54 10.39
N MET A 59 -27.67 -11.34 9.24
CA MET A 59 -28.12 -10.26 8.37
C MET A 59 -29.51 -10.55 7.83
N ASP A 60 -29.80 -11.83 7.55
CA ASP A 60 -31.15 -12.16 7.03
C ASP A 60 -32.23 -11.76 8.04
N LYS A 61 -32.00 -11.99 9.34
CA LYS A 61 -33.02 -11.59 10.30
CA LYS A 61 -33.01 -11.58 10.32
C LYS A 61 -33.21 -10.08 10.30
N LEU A 62 -32.12 -9.31 10.19
CA LEU A 62 -32.22 -7.86 10.18
C LEU A 62 -32.87 -7.37 8.90
N ILE A 63 -32.63 -8.07 7.78
CA ILE A 63 -33.34 -7.71 6.56
C ILE A 63 -34.84 -7.97 6.72
N GLY A 64 -35.20 -9.12 7.31
CA GLY A 64 -36.62 -9.38 7.52
C GLY A 64 -37.28 -8.33 8.40
N LEU A 65 -36.56 -7.78 9.38
CA LEU A 65 -37.05 -6.69 10.23
C LEU A 65 -37.01 -5.31 9.57
N GLY A 66 -36.45 -5.17 8.37
CA GLY A 66 -36.35 -3.86 7.76
C GLY A 66 -35.23 -2.98 8.25
N GLN A 67 -34.31 -3.51 9.05
CA GLN A 67 -33.19 -2.73 9.57
C GLN A 67 -31.99 -2.73 8.63
N VAL A 68 -31.77 -3.81 7.88
CA VAL A 68 -30.74 -3.86 6.86
C VAL A 68 -31.41 -3.81 5.48
N HIS A 69 -30.85 -3.02 4.59
CA HIS A 69 -31.28 -2.99 3.20
C HIS A 69 -30.26 -3.73 2.34
N ASN A 70 -30.77 -4.66 1.51
CA ASN A 70 -29.90 -5.43 0.61
C ASN A 70 -29.96 -4.84 -0.79
N PHE A 71 -28.80 -4.48 -1.35
CA PHE A 71 -28.77 -3.92 -2.68
C PHE A 71 -28.61 -4.96 -3.78
N GLY A 72 -28.63 -6.24 -3.43
CA GLY A 72 -28.64 -7.27 -4.48
C GLY A 72 -27.29 -7.46 -5.18
N ASN A 73 -27.34 -7.78 -6.45
CA ASN A 73 -26.11 -8.10 -7.18
C ASN A 73 -25.39 -6.79 -7.55
N VAL A 74 -24.33 -6.49 -6.82
CA VAL A 74 -23.58 -5.26 -7.07
C VAL A 74 -22.29 -5.61 -7.81
N THR A 75 -21.78 -4.66 -8.60
CA THR A 75 -20.61 -4.91 -9.44
C THR A 75 -19.39 -4.23 -8.83
N SER A 76 -18.31 -4.97 -8.67
CA SER A 76 -17.08 -4.32 -8.24
C SER A 76 -16.34 -3.72 -9.44
N CYS A 77 -15.46 -2.77 -9.13
CA CYS A 77 -14.79 -2.15 -10.27
C CYS A 77 -13.64 -3.02 -10.80
N GLY A 78 -13.09 -3.90 -9.98
CA GLY A 78 -12.06 -4.82 -10.42
C GLY A 78 -12.06 -6.15 -9.68
N THR A 79 -11.00 -6.93 -9.85
CA THR A 79 -10.96 -8.30 -9.35
C THR A 79 -9.84 -8.49 -8.33
N SER A 80 -9.30 -7.42 -7.79
CA SER A 80 -8.27 -7.49 -6.75
C SER A 80 -8.41 -6.27 -5.86
N ALA A 81 -7.81 -6.35 -4.66
CA ALA A 81 -7.88 -5.20 -3.74
C ALA A 81 -7.01 -4.07 -4.28
N ALA A 82 -5.87 -4.41 -4.88
CA ALA A 82 -4.99 -3.36 -5.39
C ALA A 82 -5.73 -2.45 -6.36
N TYR A 83 -6.60 -3.03 -7.21
CA TYR A 83 -7.38 -2.23 -8.14
C TYR A 83 -8.60 -1.66 -7.44
N SER A 84 -9.41 -2.52 -6.81
CA SER A 84 -10.72 -2.06 -6.31
C SER A 84 -10.63 -1.07 -5.14
N VAL A 85 -9.78 -1.31 -4.13
CA VAL A 85 -9.84 -0.47 -2.93
C VAL A 85 -9.59 1.01 -3.23
N PRO A 86 -8.56 1.40 -3.96
CA PRO A 86 -8.44 2.85 -4.22
C PRO A 86 -9.63 3.40 -4.99
N CYS A 87 -10.11 2.65 -5.98
CA CYS A 87 -11.24 3.12 -6.78
C CYS A 87 -12.51 3.27 -5.94
N MET A 88 -12.72 2.38 -4.97
CA MET A 88 -13.90 2.49 -4.09
C MET A 88 -13.97 3.85 -3.39
N PHE A 89 -12.81 4.46 -3.11
CA PHE A 89 -12.79 5.75 -2.41
C PHE A 89 -12.45 6.91 -3.34
N SER A 90 -12.46 6.70 -4.64
CA SER A 90 -12.05 7.75 -5.55
C SER A 90 -13.27 8.56 -6.03
N TYR A 91 -12.98 9.75 -6.58
CA TYR A 91 -13.98 10.50 -7.32
C TYR A 91 -14.05 10.12 -8.79
N LEU A 92 -13.07 9.41 -9.32
CA LEU A 92 -13.02 9.17 -10.76
C LEU A 92 -14.04 8.13 -11.21
N GLY A 93 -14.31 7.14 -10.37
CA GLY A 93 -15.15 6.04 -10.79
C GLY A 93 -14.39 5.09 -11.70
N ALA A 94 -14.96 3.90 -11.90
CA ALA A 94 -14.27 2.82 -12.59
C ALA A 94 -13.83 3.20 -14.01
N GLU A 95 -14.57 4.07 -14.67
CA GLU A 95 -14.34 4.23 -16.10
C GLU A 95 -13.23 5.22 -16.40
N LYS A 96 -12.78 6.01 -15.43
CA LYS A 96 -11.66 6.93 -15.60
C LYS A 96 -10.52 6.54 -14.70
N TYR A 97 -10.73 5.55 -13.85
CA TYR A 97 -9.74 5.22 -12.85
C TYR A 97 -8.47 4.64 -13.47
N ASP A 98 -7.33 5.04 -12.92
CA ASP A 98 -6.03 4.56 -13.36
C ASP A 98 -5.28 4.13 -12.11
N VAL A 99 -5.17 2.82 -11.88
CA VAL A 99 -4.72 2.33 -10.58
C VAL A 99 -3.33 2.88 -10.26
N ASP A 100 -2.47 3.00 -11.28
CA ASP A 100 -1.12 3.46 -11.00
C ASP A 100 -1.12 4.85 -10.41
N THR A 101 -2.03 5.72 -10.86
CA THR A 101 -1.97 7.11 -10.43
C THR A 101 -3.16 7.54 -9.56
N ALA A 102 -3.89 6.58 -8.95
CA ALA A 102 -4.98 6.97 -8.08
C ALA A 102 -4.47 7.87 -6.95
N ASP A 103 -3.21 7.67 -6.52
CA ASP A 103 -2.71 8.36 -5.33
C ASP A 103 -2.49 9.85 -5.59
N TYR A 104 -2.47 10.26 -6.83
CA TYR A 104 -2.27 11.66 -7.10
C TYR A 104 -3.52 12.53 -6.88
N HIS A 105 -4.67 11.91 -6.67
CA HIS A 105 -5.96 12.58 -6.63
C HIS A 105 -6.48 12.71 -5.20
N GLU A 106 -7.13 13.84 -4.90
CA GLU A 106 -7.98 13.94 -3.71
C GLU A 106 -8.98 12.79 -3.72
N ASN A 107 -9.09 12.05 -2.61
CA ASN A 107 -10.12 11.00 -2.50
C ASN A 107 -11.16 11.39 -1.46
N VAL A 108 -12.22 10.57 -1.32
CA VAL A 108 -13.31 11.02 -0.47
C VAL A 108 -12.91 11.14 1.01
N ILE A 109 -11.98 10.32 1.46
CA ILE A 109 -11.46 10.44 2.83
C ILE A 109 -10.72 11.77 3.02
N ASP A 110 -9.94 12.18 2.01
CA ASP A 110 -9.30 13.50 2.11
C ASP A 110 -10.33 14.61 2.29
N THR A 111 -11.42 14.55 1.49
CA THR A 111 -12.47 15.55 1.61
C THR A 111 -13.09 15.55 3.00
N LEU A 112 -13.49 14.37 3.50
CA LEU A 112 -14.16 14.30 4.81
C LEU A 112 -13.23 14.81 5.92
N ASP A 113 -11.96 14.42 5.86
CA ASP A 113 -10.97 14.86 6.84
C ASP A 113 -10.82 16.38 6.82
N ARG A 114 -10.77 16.98 5.61
CA ARG A 114 -10.63 18.42 5.53
C ARG A 114 -11.82 19.13 6.17
N LEU A 115 -13.00 18.56 6.02
CA LEU A 115 -14.19 19.18 6.59
C LEU A 115 -14.38 18.87 8.08
N GLY A 116 -13.51 18.08 8.69
CA GLY A 116 -13.53 17.89 10.13
C GLY A 116 -14.16 16.60 10.63
N VAL A 117 -14.48 15.66 9.74
CA VAL A 117 -14.89 14.31 10.16
C VAL A 117 -13.68 13.59 10.74
N ALA A 118 -13.85 12.96 11.91
CA ALA A 118 -12.77 12.22 12.58
C ALA A 118 -12.67 10.81 12.00
N ILE A 119 -11.61 10.53 11.25
CA ILE A 119 -11.50 9.29 10.48
C ILE A 119 -10.55 8.32 11.17
N LEU A 120 -10.99 7.05 11.30
CA LEU A 120 -10.16 5.96 11.80
C LEU A 120 -10.24 4.82 10.78
N TRP A 121 -9.09 4.26 10.39
CA TRP A 121 -9.03 3.13 9.45
C TRP A 121 -8.32 2.01 10.18
N ARG A 122 -9.02 0.90 10.43
CA ARG A 122 -8.40 -0.29 11.01
C ARG A 122 -8.30 -1.34 9.95
N ASP A 123 -7.16 -2.02 9.87
CA ASP A 123 -6.94 -2.87 8.69
C ASP A 123 -6.49 -4.27 9.09
N ASN A 124 -7.36 -5.29 8.89
CA ASN A 124 -6.95 -6.69 9.07
C ASN A 124 -6.79 -7.40 7.72
N ASN A 125 -6.14 -6.74 6.76
CA ASN A 125 -6.12 -7.27 5.39
C ASN A 125 -4.74 -7.11 4.77
N SER A 126 -4.34 -5.86 4.62
CA SER A 126 -3.05 -5.55 4.02
C SER A 126 -2.78 -4.09 4.42
N ASP A 127 -3.40 -3.16 3.72
CA ASP A 127 -3.39 -1.77 4.13
C ASP A 127 -4.46 -1.04 3.32
N SER A 128 -4.50 0.29 3.40
CA SER A 128 -5.55 1.05 2.69
C SER A 128 -5.22 1.32 1.22
N LYS A 129 -4.16 0.71 0.65
CA LYS A 129 -3.85 0.89 -0.78
C LYS A 129 -3.72 2.37 -1.15
N GLY A 130 -3.11 3.14 -0.25
CA GLY A 130 -2.86 4.56 -0.50
C GLY A 130 -3.96 5.48 0.00
N VAL A 131 -5.14 4.96 0.34
CA VAL A 131 -6.24 5.89 0.58
C VAL A 131 -5.98 6.77 1.82
N MET A 132 -5.29 6.24 2.81
CA MET A 132 -5.04 7.00 4.05
C MET A 132 -3.73 7.79 4.05
N ASN A 133 -2.98 7.80 2.94
CA ASN A 133 -1.59 8.29 2.98
C ASN A 133 -1.44 9.76 3.35
N ARG A 134 -2.42 10.61 3.05
CA ARG A 134 -2.30 12.03 3.37
C ARG A 134 -2.72 12.36 4.80
N LEU A 135 -3.37 11.42 5.50
CA LEU A 135 -3.82 11.70 6.86
C LEU A 135 -2.73 11.29 7.82
N PRO A 136 -2.71 11.87 9.01
CA PRO A 136 -1.72 11.47 10.03
C PRO A 136 -1.66 9.96 10.23
N ALA A 137 -0.45 9.44 10.43
CA ALA A 137 -0.28 8.01 10.57
C ALA A 137 -1.10 7.43 11.72
N LYS A 138 -1.30 8.20 12.79
CA LYS A 138 -2.03 7.62 13.92
C LYS A 138 -3.49 7.33 13.60
N GLN A 139 -4.04 7.83 12.48
CA GLN A 139 -5.41 7.54 12.09
C GLN A 139 -5.54 6.23 11.34
N TYR A 140 -4.45 5.54 11.07
CA TYR A 140 -4.42 4.22 10.46
C TYR A 140 -3.85 3.24 11.47
N GLN A 141 -4.50 2.10 11.67
CA GLN A 141 -4.05 1.09 12.64
C GLN A 141 -3.98 -0.28 11.99
N ASP A 142 -2.81 -0.89 12.10
CA ASP A 142 -2.59 -2.22 11.55
C ASP A 142 -3.25 -3.22 12.50
N TYR A 143 -4.20 -4.00 11.98
CA TYR A 143 -4.93 -4.99 12.78
C TYR A 143 -4.71 -6.40 12.26
N LYS A 144 -3.74 -6.60 11.36
CA LYS A 144 -3.38 -7.95 10.94
C LYS A 144 -2.20 -8.49 11.70
N ASN A 145 -1.67 -7.70 12.66
CA ASN A 145 -0.62 -8.11 13.57
C ASN A 145 -1.11 -7.91 14.99
N SER A 146 -0.63 -8.75 15.89
CA SER A 146 -0.85 -8.57 17.34
C SER A 146 0.07 -7.46 17.86
N PRO A 147 -0.15 -7.01 19.10
CA PRO A 147 0.68 -5.91 19.63
C PRO A 147 2.17 -6.24 19.67
N LEU A 148 2.54 -7.46 20.09
CA LEU A 148 3.98 -7.73 20.16
C LEU A 148 4.61 -7.84 18.76
N GLN A 149 3.81 -8.10 17.72
CA GLN A 149 4.23 -8.11 16.32
CA GLN A 149 4.38 -8.10 16.37
C GLN A 149 4.33 -6.71 15.73
N GLY A 150 3.87 -5.70 16.48
CA GLY A 150 3.87 -4.32 16.02
C GLY A 150 2.53 -3.79 15.59
N GLY A 151 1.45 -4.56 15.74
CA GLY A 151 0.13 -4.10 15.38
C GLY A 151 -0.73 -3.86 16.62
N ASN A 152 -2.03 -4.10 16.48
CA ASN A 152 -2.95 -3.71 17.54
C ASN A 152 -3.97 -4.78 17.88
N ASN A 153 -4.07 -5.86 17.12
CA ASN A 153 -5.22 -6.77 17.25
C ASN A 153 -5.01 -7.71 18.43
N THR A 154 -5.95 -7.68 19.40
CA THR A 154 -5.92 -8.55 20.60
C THR A 154 -6.59 -9.90 20.38
N ILE A 155 -7.12 -10.15 19.16
CA ILE A 155 -7.81 -11.41 18.90
C ILE A 155 -7.10 -12.15 17.77
N CYS A 156 -5.86 -12.59 18.04
CA CYS A 156 -5.09 -13.36 17.05
C CYS A 156 -4.75 -14.75 17.55
N HIS A 157 -5.10 -15.10 18.80
CA HIS A 157 -4.64 -16.36 19.37
C HIS A 157 -5.82 -17.27 19.72
N THR A 158 -6.92 -17.11 18.98
CA THR A 158 -8.11 -17.96 19.13
C THR A 158 -8.12 -19.13 18.17
N ASN A 159 -7.04 -19.35 17.43
CA ASN A 159 -7.02 -20.36 16.39
C ASN A 159 -5.58 -20.85 16.27
N PRO A 160 -5.37 -22.06 15.75
CA PRO A 160 -4.01 -22.61 15.68
C PRO A 160 -3.10 -21.93 14.66
N TYR A 161 -3.63 -21.08 13.78
CA TYR A 161 -2.82 -20.40 12.78
C TYR A 161 -2.30 -19.07 13.30
N ASP A 162 -2.67 -18.70 14.54
CA ASP A 162 -2.34 -17.37 15.09
C ASP A 162 -2.78 -16.27 14.14
N GLU A 163 -3.93 -16.47 13.47
CA GLU A 163 -4.39 -15.49 12.49
C GLU A 163 -5.31 -14.48 13.20
N CYS A 164 -5.02 -13.19 13.01
CA CYS A 164 -5.84 -12.13 13.58
C CYS A 164 -7.22 -12.09 12.96
N ARG A 165 -8.25 -11.88 13.81
CA ARG A 165 -9.63 -12.00 13.39
C ARG A 165 -10.26 -10.62 13.22
N ASP A 166 -11.20 -10.52 12.28
CA ASP A 166 -11.89 -9.27 12.01
C ASP A 166 -12.59 -8.69 13.24
N VAL A 167 -13.19 -9.53 14.10
CA VAL A 167 -13.81 -8.96 15.30
C VAL A 167 -12.80 -8.25 16.21
N GLY A 168 -11.50 -8.53 16.08
CA GLY A 168 -10.55 -7.80 16.90
C GLY A 168 -10.54 -6.30 16.59
N MET A 169 -10.97 -5.93 15.36
CA MET A 169 -11.08 -4.53 15.00
C MET A 169 -12.23 -3.83 15.74
N LEU A 170 -13.19 -4.58 16.29
CA LEU A 170 -14.28 -3.93 17.01
C LEU A 170 -13.91 -3.66 18.47
N VAL A 171 -12.77 -4.17 18.95
CA VAL A 171 -12.43 -4.03 20.39
C VAL A 171 -12.28 -2.57 20.71
N ASP A 172 -13.07 -2.10 21.66
CA ASP A 172 -12.97 -0.77 22.23
C ASP A 172 -12.90 0.34 21.17
N LEU A 173 -13.79 0.29 20.17
CA LEU A 173 -14.03 1.48 19.34
C LEU A 173 -14.58 2.66 20.17
N ASP A 174 -15.13 2.40 21.39
CA ASP A 174 -15.53 3.48 22.29
C ASP A 174 -14.41 4.44 22.57
N ASP A 175 -13.15 3.98 22.53
CA ASP A 175 -12.00 4.87 22.75
C ASP A 175 -12.00 5.99 21.71
N HIS A 176 -12.15 5.62 20.43
CA HIS A 176 -12.19 6.62 19.36
C HIS A 176 -13.40 7.53 19.49
N VAL A 177 -14.59 6.98 19.77
CA VAL A 177 -15.77 7.83 19.94
C VAL A 177 -15.58 8.80 21.09
N LYS A 178 -15.10 8.25 22.16
CA LYS A 178 -14.88 9.19 23.37
CA LYS A 178 -14.85 9.13 23.29
C LYS A 178 -13.83 10.37 23.13
N ALA A 179 -12.89 10.02 22.29
CA ALA A 179 -11.90 11.05 21.94
C ALA A 179 -12.45 12.07 20.95
N HIS A 180 -13.62 11.84 20.37
CA HIS A 180 -14.13 12.77 19.36
C HIS A 180 -15.59 13.11 19.64
N ALA A 181 -15.81 13.54 20.88
CA ALA A 181 -17.11 14.07 21.30
C ALA A 181 -17.54 15.20 20.38
N ASN A 182 -18.82 15.14 20.00
CA ASN A 182 -19.45 16.22 19.24
C ASN A 182 -18.77 16.44 17.89
N GLN A 183 -18.19 15.38 17.34
CA GLN A 183 -17.69 15.35 15.97
C GLN A 183 -18.38 14.25 15.17
N ASP A 184 -18.55 14.51 13.87
CA ASP A 184 -18.88 13.43 12.94
C ASP A 184 -17.71 12.46 12.86
N ILE A 185 -18.00 11.17 12.71
CA ILE A 185 -16.97 10.14 12.74
C ILE A 185 -17.19 9.14 11.60
N LEU A 186 -16.12 8.76 10.92
CA LEU A 186 -16.15 7.65 9.96
C LEU A 186 -15.10 6.64 10.38
N ILE A 187 -15.52 5.39 10.57
CA ILE A 187 -14.62 4.30 10.93
C ILE A 187 -14.65 3.33 9.74
N VAL A 188 -13.47 3.07 9.14
CA VAL A 188 -13.34 2.08 8.07
C VAL A 188 -12.71 0.83 8.63
N LEU A 189 -13.35 -0.33 8.43
CA LEU A 189 -12.82 -1.59 8.92
C LEU A 189 -12.53 -2.47 7.71
N HIS A 190 -11.26 -2.82 7.48
CA HIS A 190 -10.87 -3.55 6.26
C HIS A 190 -10.67 -5.02 6.62
N GLN A 191 -11.60 -5.89 6.17
CA GLN A 191 -11.63 -7.28 6.60
C GLN A 191 -10.57 -8.16 5.96
N MET A 192 -10.19 -9.23 6.72
CA MET A 192 -9.58 -10.41 6.08
C MET A 192 -10.66 -11.19 5.31
N GLY A 193 -11.82 -11.40 5.95
CA GLY A 193 -12.99 -11.89 5.23
C GLY A 193 -12.75 -13.26 4.60
N ASN A 194 -13.11 -13.37 3.31
CA ASN A 194 -13.12 -14.65 2.58
C ASN A 194 -11.86 -14.92 1.75
N HIS A 195 -10.74 -14.27 2.08
CA HIS A 195 -9.51 -14.46 1.29
C HIS A 195 -9.13 -15.93 1.28
N GLY A 196 -8.72 -16.44 0.10
CA GLY A 196 -8.25 -17.80 -0.04
C GLY A 196 -6.82 -17.85 -0.57
N PRO A 197 -6.35 -19.03 -0.95
CA PRO A 197 -7.12 -20.29 -1.10
C PRO A 197 -7.42 -21.06 0.18
N ALA A 198 -6.73 -20.73 1.29
CA ALA A 198 -6.90 -21.50 2.53
C ALA A 198 -8.11 -20.99 3.33
N TYR A 199 -9.31 -21.13 2.73
CA TYR A 199 -10.53 -20.64 3.37
C TYR A 199 -10.68 -21.18 4.79
N TYR A 200 -10.22 -22.42 5.02
CA TYR A 200 -10.41 -23.01 6.34
C TYR A 200 -9.63 -22.30 7.45
N LYS A 201 -8.68 -21.43 7.09
CA LYS A 201 -7.95 -20.65 8.10
C LYS A 201 -8.69 -19.39 8.52
N ARG A 202 -9.78 -19.05 7.82
CA ARG A 202 -10.38 -17.72 7.94
C ARG A 202 -11.37 -17.57 9.09
N TYR A 203 -11.71 -18.67 9.79
CA TYR A 203 -12.80 -18.60 10.78
C TYR A 203 -12.53 -19.53 11.97
N ASP A 204 -12.95 -19.08 13.14
CA ASP A 204 -12.77 -19.90 14.32
C ASP A 204 -13.76 -21.10 14.29
N ASP A 205 -13.49 -22.08 15.16
CA ASP A 205 -14.19 -23.37 15.11
C ASP A 205 -15.69 -23.23 15.24
N GLU A 206 -16.15 -22.17 15.93
CA GLU A 206 -17.60 -21.93 16.08
C GLU A 206 -18.32 -21.92 14.73
N PHE A 207 -17.64 -21.49 13.66
CA PHE A 207 -18.25 -21.35 12.34
C PHE A 207 -17.93 -22.52 11.40
N ALA A 208 -17.29 -23.60 11.90
CA ALA A 208 -17.01 -24.77 11.05
C ALA A 208 -18.28 -25.61 10.99
N GLN A 209 -19.23 -25.10 10.20
CA GLN A 209 -20.59 -25.66 10.18
C GLN A 209 -20.93 -26.42 8.92
N PHE A 210 -20.46 -25.96 7.76
CA PHE A 210 -20.67 -26.68 6.52
C PHE A 210 -19.47 -27.61 6.34
N LEU A 211 -19.74 -28.92 6.32
CA LEU A 211 -18.70 -29.92 6.43
C LEU A 211 -18.89 -31.01 5.39
N PRO A 212 -17.79 -31.68 4.97
CA PRO A 212 -16.39 -31.48 5.38
C PRO A 212 -15.74 -30.37 4.59
N VAL A 213 -14.62 -29.87 5.07
CA VAL A 213 -13.96 -28.75 4.41
C VAL A 213 -12.66 -29.21 3.76
N CYS A 214 -12.27 -28.47 2.73
CA CYS A 214 -10.94 -28.60 2.16
C CYS A 214 -9.92 -27.98 3.11
N THR A 215 -8.87 -28.73 3.41
CA THR A 215 -7.82 -28.29 4.31
C THR A 215 -6.48 -28.26 3.58
N SER A 216 -6.53 -28.04 2.27
CA SER A 216 -5.32 -27.84 1.48
CA SER A 216 -5.31 -27.85 1.47
C SER A 216 -5.45 -26.57 0.65
N SER A 217 -4.30 -26.04 0.26
CA SER A 217 -4.26 -24.86 -0.60
C SER A 217 -4.34 -25.19 -2.09
N GLU A 218 -4.30 -26.48 -2.48
CA GLU A 218 -4.42 -26.81 -3.89
C GLU A 218 -5.88 -27.12 -4.20
N LEU A 219 -6.62 -26.06 -4.46
CA LEU A 219 -8.08 -26.17 -4.51
C LEU A 219 -8.55 -27.11 -5.61
N ALA A 220 -7.82 -27.16 -6.73
CA ALA A 220 -8.21 -28.10 -7.77
C ALA A 220 -8.00 -29.56 -7.36
N GLU A 221 -7.28 -29.83 -6.26
CA GLU A 221 -7.13 -31.19 -5.74
CA GLU A 221 -7.14 -31.19 -5.74
C GLU A 221 -8.30 -31.61 -4.84
N CYS A 222 -8.76 -30.72 -3.95
CA CYS A 222 -9.88 -31.03 -3.08
C CYS A 222 -11.14 -31.28 -3.91
N GLU A 223 -12.10 -32.00 -3.33
CA GLU A 223 -13.42 -32.07 -3.94
C GLU A 223 -14.05 -30.68 -3.90
N ARG A 224 -14.69 -30.30 -5.01
CA ARG A 224 -15.15 -28.92 -5.17
C ARG A 224 -16.09 -28.50 -4.04
N GLN A 225 -17.05 -29.36 -3.69
CA GLN A 225 -17.98 -29.03 -2.62
C GLN A 225 -17.26 -28.76 -1.30
N THR A 226 -16.14 -29.44 -1.04
CA THR A 226 -15.46 -29.18 0.24
C THR A 226 -14.75 -27.82 0.21
N VAL A 227 -14.38 -27.33 -0.98
CA VAL A 227 -13.87 -25.96 -1.10
C VAL A 227 -14.98 -24.98 -0.82
N ILE A 228 -16.13 -25.21 -1.46
CA ILE A 228 -17.30 -24.36 -1.28
C ILE A 228 -17.71 -24.34 0.20
N ASN A 229 -17.66 -25.49 0.87
CA ASN A 229 -18.04 -25.56 2.29
C ASN A 229 -17.16 -24.65 3.15
N ALA A 230 -15.84 -24.62 2.89
CA ALA A 230 -14.98 -23.75 3.70
C ALA A 230 -15.24 -22.27 3.38
N TYR A 231 -15.45 -21.98 2.10
CA TYR A 231 -15.81 -20.61 1.69
C TYR A 231 -17.08 -20.15 2.40
N ASP A 232 -18.11 -21.01 2.45
CA ASP A 232 -19.34 -20.60 3.09
C ASP A 232 -19.19 -20.46 4.61
N ASN A 233 -18.32 -21.26 5.24
CA ASN A 233 -18.02 -21.08 6.66
C ASN A 233 -17.41 -19.71 6.93
N ALA A 234 -16.50 -19.27 6.04
CA ALA A 234 -15.94 -17.94 6.20
C ALA A 234 -17.00 -16.87 6.05
N LEU A 235 -18.01 -17.08 5.19
CA LEU A 235 -19.13 -16.12 5.16
C LEU A 235 -19.87 -16.05 6.50
N LEU A 236 -20.15 -17.20 7.13
CA LEU A 236 -20.80 -17.19 8.46
C LEU A 236 -20.04 -16.31 9.45
N ALA A 237 -18.70 -16.38 9.42
CA ALA A 237 -17.92 -15.57 10.36
C ALA A 237 -18.04 -14.07 10.04
N THR A 238 -18.14 -13.72 8.75
CA THR A 238 -18.36 -12.33 8.35
C THR A 238 -19.75 -11.85 8.73
N ASP A 239 -20.77 -12.72 8.55
CA ASP A 239 -22.11 -12.41 9.03
C ASP A 239 -22.09 -12.10 10.53
N ASP A 240 -21.38 -12.92 11.32
CA ASP A 240 -21.23 -12.65 12.76
C ASP A 240 -20.51 -11.32 13.02
N PHE A 241 -19.46 -11.03 12.26
CA PHE A 241 -18.72 -9.79 12.45
C PHE A 241 -19.60 -8.59 12.15
N LEU A 242 -20.42 -8.71 11.11
CA LEU A 242 -21.32 -7.61 10.75
C LEU A 242 -22.38 -7.44 11.84
N LYS A 243 -22.86 -8.54 12.43
CA LYS A 243 -23.83 -8.40 13.50
CA LYS A 243 -23.82 -8.41 13.51
C LYS A 243 -23.20 -7.70 14.72
N GLN A 244 -21.96 -8.05 15.06
CA GLN A 244 -21.33 -7.43 16.23
C GLN A 244 -21.05 -5.97 15.97
N THR A 245 -20.77 -5.62 14.71
CA THR A 245 -20.56 -4.21 14.33
C THR A 245 -21.84 -3.43 14.52
N ILE A 246 -22.95 -3.99 14.01
CA ILE A 246 -24.24 -3.33 14.17
C ILE A 246 -24.62 -3.24 15.64
N ASP A 247 -24.39 -4.32 16.42
CA ASP A 247 -24.74 -4.25 17.85
C ASP A 247 -24.00 -3.11 18.53
N TRP A 248 -22.74 -2.88 18.17
CA TRP A 248 -22.00 -1.77 18.77
C TRP A 248 -22.60 -0.42 18.35
N LEU A 249 -22.90 -0.24 17.05
CA LEU A 249 -23.51 1.00 16.59
C LEU A 249 -24.86 1.25 17.23
N ALA A 250 -25.67 0.18 17.44
CA ALA A 250 -27.00 0.35 18.01
C ALA A 250 -26.94 0.95 19.41
N ALA A 251 -25.80 0.81 20.08
CA ALA A 251 -25.67 1.38 21.42
C ALA A 251 -25.23 2.84 21.42
N GLN A 252 -24.91 3.41 20.25
CA GLN A 252 -24.52 4.82 20.17
C GLN A 252 -25.75 5.69 19.91
N THR A 253 -26.61 5.72 20.92
CA THR A 253 -27.92 6.35 20.77
C THR A 253 -27.85 7.86 20.66
N HIS A 254 -26.70 8.48 20.95
CA HIS A 254 -26.49 9.91 20.82
C HIS A 254 -26.20 10.33 19.38
N ALA A 255 -25.97 9.39 18.48
CA ALA A 255 -25.58 9.70 17.12
C ALA A 255 -26.58 9.11 16.13
N ASP A 256 -26.63 9.67 14.95
CA ASP A 256 -27.29 9.00 13.81
C ASP A 256 -26.27 8.11 13.13
N THR A 257 -26.56 6.81 13.05
CA THR A 257 -25.56 5.82 12.72
C THR A 257 -25.87 5.14 11.40
N ALA A 258 -24.84 4.56 10.79
CA ALA A 258 -25.00 3.77 9.57
C ALA A 258 -23.83 2.79 9.49
N MET A 259 -24.11 1.64 8.91
CA MET A 259 -23.06 0.69 8.53
C MET A 259 -23.25 0.35 7.05
N LEU A 260 -22.24 0.65 6.24
CA LEU A 260 -22.23 0.28 4.82
C LEU A 260 -21.19 -0.81 4.62
N TYR A 261 -21.57 -1.90 3.94
CA TYR A 261 -20.68 -3.05 3.69
C TYR A 261 -20.65 -3.41 2.21
N LEU A 262 -19.44 -3.47 1.64
CA LEU A 262 -19.27 -4.01 0.27
C LEU A 262 -17.96 -4.79 0.20
N SER A 263 -17.98 -5.91 -0.54
CA SER A 263 -16.72 -6.63 -0.80
C SER A 263 -15.86 -5.89 -1.83
N ASP A 264 -14.54 -6.21 -1.88
CA ASP A 264 -13.69 -5.58 -2.91
C ASP A 264 -13.84 -6.25 -4.27
N HIS A 265 -14.30 -7.50 -4.30
CA HIS A 265 -14.53 -8.30 -5.54
C HIS A 265 -15.09 -9.64 -5.06
N GLY A 266 -15.50 -10.47 -6.03
CA GLY A 266 -16.00 -11.82 -5.76
C GLY A 266 -14.92 -12.89 -5.89
N GLU A 267 -15.34 -14.08 -6.27
CA GLU A 267 -14.43 -15.22 -6.20
C GLU A 267 -14.94 -16.26 -7.17
N SER A 268 -14.05 -16.88 -7.93
CA SER A 268 -14.48 -18.05 -8.71
C SER A 268 -14.39 -19.29 -7.83
N LEU A 269 -15.37 -20.20 -7.94
CA LEU A 269 -15.34 -21.39 -7.11
C LEU A 269 -15.47 -22.64 -7.99
N GLY A 270 -14.69 -22.67 -9.07
CA GLY A 270 -14.60 -23.82 -9.93
C GLY A 270 -15.50 -23.81 -11.14
N GLU A 271 -16.26 -22.74 -11.37
CA GLU A 271 -17.07 -22.68 -12.61
C GLU A 271 -16.14 -22.69 -13.81
N LYS A 272 -16.35 -23.65 -14.71
CA LYS A 272 -15.50 -23.80 -15.89
C LYS A 272 -14.03 -23.86 -15.50
N GLY A 273 -13.75 -24.43 -14.31
CA GLY A 273 -12.40 -24.74 -13.91
C GLY A 273 -11.65 -23.57 -13.33
N VAL A 274 -12.31 -22.43 -13.14
CA VAL A 274 -11.63 -21.20 -12.69
C VAL A 274 -11.78 -21.11 -11.18
N TYR A 275 -10.67 -20.81 -10.49
CA TYR A 275 -10.66 -20.57 -9.05
C TYR A 275 -10.00 -19.22 -8.73
N LEU A 276 -10.27 -18.74 -7.51
CA LEU A 276 -9.71 -17.52 -6.95
C LEU A 276 -10.18 -16.31 -7.75
N HIS A 277 -9.36 -15.26 -7.86
CA HIS A 277 -9.84 -14.05 -8.55
C HIS A 277 -8.70 -13.40 -9.31
N GLY A 278 -8.64 -12.07 -9.39
CA GLY A 278 -7.49 -11.45 -10.03
C GLY A 278 -7.44 -11.52 -11.55
N MET A 279 -8.47 -12.04 -12.22
CA MET A 279 -8.45 -12.04 -13.70
C MET A 279 -8.66 -10.62 -14.26
N PRO A 280 -8.03 -10.29 -15.40
CA PRO A 280 -8.25 -8.98 -16.01
C PRO A 280 -9.74 -8.74 -16.20
N LYS A 281 -10.20 -7.55 -15.80
CA LYS A 281 -11.64 -7.34 -15.68
C LYS A 281 -12.36 -7.41 -17.02
N ALA A 282 -11.67 -7.15 -18.14
CA ALA A 282 -12.35 -7.29 -19.42
C ALA A 282 -12.70 -8.74 -19.74
N PHE A 283 -12.04 -9.70 -19.08
CA PHE A 283 -12.18 -11.11 -19.35
C PHE A 283 -12.67 -11.91 -18.17
N ALA A 284 -12.74 -11.31 -17.00
CA ALA A 284 -13.06 -12.07 -15.79
C ALA A 284 -14.48 -12.62 -15.84
N PRO A 285 -14.71 -13.82 -15.30
CA PRO A 285 -16.08 -14.30 -15.19
C PRO A 285 -16.88 -13.47 -14.20
N LYS A 286 -18.20 -13.51 -14.41
CA LYS A 286 -19.16 -12.78 -13.58
C LYS A 286 -18.93 -12.96 -12.10
N GLU A 287 -18.55 -14.17 -11.67
CA GLU A 287 -18.38 -14.45 -10.25
CA GLU A 287 -18.41 -14.40 -10.24
C GLU A 287 -17.32 -13.55 -9.61
N GLN A 288 -16.33 -13.13 -10.39
CA GLN A 288 -15.28 -12.31 -9.75
C GLN A 288 -15.68 -10.83 -9.60
N LEU A 289 -16.74 -10.40 -10.30
CA LEU A 289 -17.15 -9.03 -10.26
C LEU A 289 -18.48 -8.82 -9.55
N SER A 290 -19.11 -9.88 -9.02
CA SER A 290 -20.43 -9.76 -8.41
C SER A 290 -20.28 -9.82 -6.89
N ILE A 291 -20.66 -8.76 -6.18
CA ILE A 291 -20.35 -8.66 -4.76
C ILE A 291 -21.63 -8.35 -3.99
N PRO A 292 -21.67 -8.69 -2.71
CA PRO A 292 -22.80 -8.26 -1.88
C PRO A 292 -22.62 -6.81 -1.46
N ALA A 293 -23.76 -6.18 -1.13
CA ALA A 293 -23.73 -4.82 -0.60
C ALA A 293 -24.91 -4.66 0.35
N LEU A 294 -24.65 -4.20 1.59
CA LEU A 294 -25.69 -4.04 2.60
C LEU A 294 -25.57 -2.65 3.24
N LEU A 295 -26.70 -2.07 3.65
CA LEU A 295 -26.73 -0.82 4.41
C LEU A 295 -27.60 -1.03 5.63
N TRP A 296 -27.05 -0.80 6.83
CA TRP A 296 -27.82 -0.70 8.08
C TRP A 296 -27.92 0.76 8.52
N LEU A 297 -29.11 1.17 8.97
CA LEU A 297 -29.33 2.49 9.49
C LEU A 297 -29.86 2.42 10.91
N GLY A 298 -29.42 3.36 11.75
CA GLY A 298 -29.84 3.37 13.14
C GLY A 298 -31.28 3.84 13.30
N ALA A 299 -31.74 3.78 14.56
CA ALA A 299 -33.10 4.16 14.91
C ALA A 299 -33.39 5.61 14.51
N ASP A 300 -34.62 5.85 14.08
CA ASP A 300 -35.08 7.18 13.70
C ASP A 300 -34.16 7.81 12.65
N THR A 301 -33.67 7.00 11.72
CA THR A 301 -32.70 7.54 10.76
C THR A 301 -33.33 8.63 9.89
N PRO A 302 -32.58 9.69 9.55
CA PRO A 302 -33.08 10.66 8.56
C PRO A 302 -32.86 10.24 7.11
N PHE A 303 -32.10 9.18 6.85
CA PHE A 303 -31.71 8.85 5.50
C PHE A 303 -32.71 7.95 4.80
N ALA A 304 -32.75 8.07 3.47
CA ALA A 304 -33.61 7.22 2.65
C ALA A 304 -32.78 6.53 1.57
N VAL A 305 -33.13 5.28 1.28
CA VAL A 305 -32.47 4.53 0.22
C VAL A 305 -32.80 5.12 -1.15
N ALA A 306 -31.80 5.21 -2.02
CA ALA A 306 -31.92 5.85 -3.33
C ALA A 306 -32.51 4.90 -4.37
N ASN A 307 -32.96 5.49 -5.50
CA ASN A 307 -33.47 4.72 -6.64
C ASN A 307 -32.35 3.87 -7.22
N SER A 308 -32.68 2.63 -7.56
CA SER A 308 -31.67 1.73 -8.14
C SER A 308 -31.31 2.17 -9.56
N PRO A 309 -30.02 2.24 -9.90
CA PRO A 309 -29.65 2.31 -11.32
C PRO A 309 -30.22 1.10 -12.07
N THR A 310 -30.55 1.32 -13.34
CA THR A 310 -31.14 0.28 -14.18
C THR A 310 -30.23 -0.93 -14.27
N ALA A 311 -28.92 -0.72 -14.29
CA ALA A 311 -27.96 -1.81 -14.33
C ALA A 311 -27.58 -2.34 -12.96
N GLY A 312 -28.20 -1.85 -11.89
CA GLY A 312 -27.77 -2.22 -10.56
C GLY A 312 -26.63 -1.31 -10.07
N PHE A 313 -26.32 -1.41 -8.79
CA PHE A 313 -25.29 -0.55 -8.18
C PHE A 313 -23.88 -1.09 -8.45
N SER A 314 -22.87 -0.24 -8.16
CA SER A 314 -21.46 -0.64 -8.29
C SER A 314 -20.65 0.07 -7.22
N HIS A 315 -19.35 -0.24 -7.18
CA HIS A 315 -18.41 0.50 -6.31
C HIS A 315 -18.47 2.01 -6.50
N ASP A 316 -18.84 2.49 -7.68
CA ASP A 316 -18.91 3.93 -7.92
C ASP A 316 -19.88 4.63 -6.99
N ALA A 317 -20.85 3.91 -6.40
CA ALA A 317 -21.81 4.56 -5.50
C ALA A 317 -21.22 4.89 -4.13
N ILE A 318 -20.06 4.34 -3.78
CA ILE A 318 -19.57 4.49 -2.41
C ILE A 318 -19.25 5.95 -2.09
N THR A 319 -18.45 6.60 -2.96
CA THR A 319 -18.03 7.98 -2.64
C THR A 319 -19.22 8.92 -2.50
N PRO A 320 -20.20 8.95 -3.41
CA PRO A 320 -21.35 9.82 -3.18
C PRO A 320 -22.14 9.45 -1.93
N THR A 321 -22.24 8.15 -1.60
CA THR A 321 -22.92 7.73 -0.39
C THR A 321 -22.25 8.29 0.85
N LEU A 322 -20.91 8.14 0.96
CA LEU A 322 -20.21 8.67 2.12
C LEU A 322 -20.44 10.18 2.25
N LEU A 323 -20.32 10.93 1.13
CA LEU A 323 -20.58 12.37 1.17
C LEU A 323 -22.00 12.67 1.64
N ASN A 324 -22.99 11.98 1.09
CA ASN A 324 -24.38 12.22 1.50
C ASN A 324 -24.58 11.90 2.99
N LEU A 325 -23.95 10.83 3.48
CA LEU A 325 -24.11 10.50 4.90
C LEU A 325 -23.50 11.55 5.81
N PHE A 326 -22.56 12.37 5.32
CA PHE A 326 -22.00 13.44 6.14
C PHE A 326 -22.48 14.81 5.69
N ASP A 327 -23.59 14.87 4.92
CA ASP A 327 -24.22 16.16 4.56
C ASP A 327 -23.26 17.06 3.78
N VAL A 328 -22.37 16.46 3.00
CA VAL A 328 -21.39 17.24 2.24
C VAL A 328 -21.98 17.63 0.91
N SER A 329 -21.95 18.91 0.60
CA SER A 329 -22.45 19.41 -0.67
C SER A 329 -21.25 19.68 -1.58
N THR A 330 -21.18 19.01 -2.71
CA THR A 330 -20.16 19.33 -3.70
C THR A 330 -20.67 19.01 -5.09
N GLN A 331 -20.18 19.75 -6.07
CA GLN A 331 -20.52 19.44 -7.46
C GLN A 331 -20.03 18.07 -7.89
N ALA A 332 -19.02 17.52 -7.22
CA ALA A 332 -18.50 16.22 -7.62
C ALA A 332 -19.52 15.10 -7.47
N THR A 333 -20.64 15.29 -6.78
CA THR A 333 -21.66 14.23 -6.67
C THR A 333 -22.82 14.36 -7.65
N ALA A 334 -22.95 15.49 -8.34
CA ALA A 334 -24.03 15.61 -9.31
C ALA A 334 -23.92 14.51 -10.35
N ASP A 335 -25.05 13.89 -10.67
CA ASP A 335 -25.18 12.94 -11.76
C ASP A 335 -24.73 11.59 -11.29
N LYS A 336 -24.10 11.51 -10.13
CA LYS A 336 -23.55 10.25 -9.65
C LYS A 336 -24.47 9.41 -8.78
N THR A 337 -24.39 8.10 -8.96
CA THR A 337 -25.18 7.15 -8.20
CA THR A 337 -25.22 7.20 -8.19
C THR A 337 -24.74 7.17 -6.73
N ALA A 338 -25.69 7.00 -5.82
CA ALA A 338 -25.45 6.83 -4.40
C ALA A 338 -26.44 5.83 -3.80
N PHE A 339 -26.07 5.21 -2.67
CA PHE A 339 -26.94 4.24 -2.02
C PHE A 339 -28.03 4.93 -1.19
N VAL A 340 -27.78 6.17 -0.73
CA VAL A 340 -28.79 6.94 -0.03
C VAL A 340 -28.82 8.33 -0.64
N ASN A 341 -29.99 8.96 -0.57
CA ASN A 341 -30.19 10.30 -1.07
C ASN A 341 -29.58 11.37 -0.16
N PRO A 342 -29.23 12.52 -0.71
CA PRO A 342 -28.85 13.65 0.13
C PRO A 342 -30.03 14.16 0.92
N LEU A 343 -29.77 14.65 2.14
CA LEU A 343 -30.79 15.34 2.92
C LEU A 343 -30.84 16.81 2.53
N ASP A 344 -32.04 17.33 2.30
CA ASP A 344 -32.20 18.76 2.04
C ASP A 344 -33.49 19.26 2.70
N THR B 10 1.36 -20.71 3.47
CA THR B 10 0.80 -21.77 2.63
C THR B 10 0.17 -21.20 1.34
N GLU B 11 -0.07 -19.89 1.35
CA GLU B 11 -0.94 -19.23 0.38
C GLU B 11 -0.19 -18.33 -0.56
N THR B 12 1.08 -18.62 -0.80
CA THR B 12 2.00 -17.75 -1.52
C THR B 12 2.52 -18.47 -2.76
N ILE B 13 2.61 -17.76 -3.89
CA ILE B 13 3.20 -18.37 -5.07
C ILE B 13 4.71 -18.27 -4.89
N MET B 14 5.39 -19.40 -4.73
CA MET B 14 6.81 -19.36 -4.36
C MET B 14 7.67 -19.30 -5.62
N HIS B 15 8.82 -18.62 -5.51
CA HIS B 15 9.79 -18.56 -6.58
C HIS B 15 11.16 -19.06 -6.20
N ALA B 16 11.49 -19.06 -4.93
CA ALA B 16 12.84 -19.35 -4.45
C ALA B 16 12.77 -20.30 -3.27
N ASN B 17 11.87 -21.30 -3.35
CA ASN B 17 11.75 -22.29 -2.28
C ASN B 17 13.05 -23.04 -2.04
N ASP B 18 13.92 -23.16 -3.06
CA ASP B 18 15.23 -23.80 -2.93
C ASP B 18 16.30 -22.91 -2.28
N ALA B 19 15.99 -21.66 -1.95
CA ALA B 19 17.04 -20.71 -1.55
C ALA B 19 17.72 -21.15 -0.25
N ILE B 20 19.04 -21.03 -0.24
CA ILE B 20 19.83 -21.30 0.96
C ILE B 20 21.04 -20.38 0.94
N GLN B 21 21.52 -19.99 2.12
CA GLN B 21 22.72 -19.14 2.19
C GLN B 21 23.95 -20.03 2.03
N LYS B 22 24.88 -19.62 1.16
CA LYS B 22 26.11 -20.41 1.00
C LYS B 22 27.01 -20.29 2.22
N THR B 23 27.04 -19.11 2.84
CA THR B 23 27.80 -18.84 4.04
C THR B 23 26.96 -17.94 4.93
N THR B 24 27.19 -18.01 6.23
CA THR B 24 26.38 -17.28 7.19
C THR B 24 27.24 -16.41 8.08
N ALA B 25 26.56 -15.51 8.79
CA ALA B 25 27.23 -14.60 9.68
C ALA B 25 27.97 -15.32 10.79
N SER B 26 27.76 -16.62 10.97
CA SER B 26 28.52 -17.36 11.96
C SER B 26 29.85 -17.87 11.43
N THR B 27 30.05 -17.85 10.11
CA THR B 27 31.30 -18.35 9.56
C THR B 27 32.12 -17.29 8.82
N ARG B 28 31.61 -16.07 8.72
CA ARG B 28 32.31 -14.96 8.08
C ARG B 28 31.68 -13.66 8.59
N LYS B 29 32.23 -12.53 8.18
CA LYS B 29 31.73 -11.25 8.64
C LYS B 29 30.25 -11.11 8.32
N PRO B 30 29.45 -10.58 9.24
CA PRO B 30 28.07 -10.24 8.90
C PRO B 30 28.02 -9.26 7.74
N ARG B 31 26.97 -9.37 6.94
CA ARG B 31 26.70 -8.46 5.83
C ARG B 31 25.68 -7.42 6.26
N LEU B 32 25.91 -6.17 5.89
CA LEU B 32 25.01 -5.08 6.26
C LEU B 32 24.79 -4.22 5.02
N VAL B 33 23.56 -4.22 4.50
CA VAL B 33 23.24 -3.56 3.24
C VAL B 33 22.18 -2.51 3.49
N VAL B 34 22.37 -1.33 2.92
CA VAL B 34 21.30 -0.35 2.87
C VAL B 34 20.85 -0.27 1.43
N MET B 35 19.54 -0.44 1.19
CA MET B 35 18.97 -0.30 -0.15
C MET B 35 18.14 0.96 -0.12
N VAL B 36 18.53 1.97 -0.93
CA VAL B 36 17.81 3.24 -0.97
C VAL B 36 16.88 3.19 -2.17
N VAL B 37 15.56 3.25 -1.91
CA VAL B 37 14.56 3.36 -2.98
C VAL B 37 14.32 4.85 -3.17
N GLY B 38 14.92 5.40 -4.25
CA GLY B 38 14.75 6.80 -4.54
C GLY B 38 13.42 7.12 -5.15
N GLU B 39 13.27 8.40 -5.51
CA GLU B 39 11.97 8.94 -5.93
C GLU B 39 12.18 10.04 -6.96
N THR B 40 11.73 9.84 -8.21
CA THR B 40 11.63 10.89 -9.25
C THR B 40 12.99 11.41 -9.77
N ALA B 41 14.10 10.88 -9.31
CA ALA B 41 15.42 11.34 -9.81
C ALA B 41 15.69 10.70 -11.15
N ARG B 42 16.21 11.48 -12.10
CA ARG B 42 16.40 10.93 -13.44
C ARG B 42 17.89 10.95 -13.78
N ALA B 43 18.28 9.98 -14.62
CA ALA B 43 19.70 9.73 -14.82
C ALA B 43 20.42 10.94 -15.39
N ASP B 44 19.82 11.64 -16.35
CA ASP B 44 20.65 12.63 -17.05
C ASP B 44 20.69 13.99 -16.33
N HIS B 45 20.11 14.12 -15.13
CA HIS B 45 20.40 15.28 -14.30
C HIS B 45 21.41 14.97 -13.19
N ALA B 46 22.06 13.80 -13.26
CA ALA B 46 23.15 13.48 -12.35
C ALA B 46 24.47 13.92 -12.98
N SER B 47 25.28 14.63 -12.22
CA SER B 47 26.58 15.04 -12.75
C SER B 47 27.43 13.82 -13.12
N PHE B 48 27.25 12.69 -12.42
CA PHE B 48 28.04 11.52 -12.75
C PHE B 48 27.60 10.87 -14.07
N ASN B 49 26.46 11.29 -14.63
CA ASN B 49 26.09 10.84 -15.97
C ASN B 49 26.24 11.96 -17.01
N GLY B 50 26.97 13.02 -16.70
CA GLY B 50 27.25 14.01 -17.73
C GLY B 50 26.42 15.27 -17.68
N TYR B 51 25.56 15.43 -16.68
CA TYR B 51 24.82 16.68 -16.56
C TYR B 51 25.77 17.86 -16.36
N GLN B 52 25.42 18.99 -16.96
CA GLN B 52 26.31 20.17 -16.98
C GLN B 52 26.28 20.97 -15.69
N ARG B 53 25.66 20.43 -14.62
CA ARG B 53 25.64 21.13 -13.32
C ARG B 53 26.07 20.15 -12.25
N ALA B 54 26.68 20.66 -11.18
CA ALA B 54 27.24 19.78 -10.15
C ALA B 54 26.16 19.35 -9.14
N THR B 55 25.32 18.41 -9.57
CA THR B 55 24.20 18.01 -8.74
C THR B 55 24.54 16.93 -7.69
N PHE B 56 25.58 16.12 -7.90
CA PHE B 56 25.99 15.12 -6.91
C PHE B 56 27.47 15.25 -6.57
N PRO B 57 27.85 16.36 -5.91
CA PRO B 57 29.30 16.56 -5.62
C PRO B 57 29.85 15.49 -4.68
N HIS B 58 29.06 15.04 -3.68
CA HIS B 58 29.61 14.02 -2.79
C HIS B 58 29.76 12.69 -3.52
N MET B 59 28.74 12.27 -4.27
CA MET B 59 28.86 11.00 -4.98
C MET B 59 29.96 11.05 -6.03
N ASP B 60 30.12 12.20 -6.72
CA ASP B 60 31.19 12.30 -7.72
C ASP B 60 32.56 12.09 -7.06
N LYS B 61 32.76 12.66 -5.85
CA LYS B 61 34.05 12.47 -5.22
C LYS B 61 34.27 11.00 -4.91
N LEU B 62 33.22 10.30 -4.42
CA LEU B 62 33.42 8.89 -4.09
C LEU B 62 33.60 8.03 -5.35
N ILE B 63 33.00 8.44 -6.45
CA ILE B 63 33.26 7.72 -7.71
C ILE B 63 34.72 7.88 -8.12
N GLY B 64 35.23 9.12 -8.06
CA GLY B 64 36.64 9.34 -8.35
C GLY B 64 37.58 8.54 -7.47
N LEU B 65 37.17 8.27 -6.22
CA LEU B 65 38.01 7.44 -5.35
C LEU B 65 37.80 5.96 -5.59
N GLY B 66 36.85 5.57 -6.42
CA GLY B 66 36.66 4.15 -6.65
C GLY B 66 35.76 3.49 -5.63
N GLN B 67 35.18 4.25 -4.71
CA GLN B 67 34.33 3.64 -3.67
C GLN B 67 32.91 3.43 -4.15
N VAL B 68 32.38 4.39 -4.94
CA VAL B 68 31.05 4.31 -5.53
C VAL B 68 31.21 3.87 -6.99
N HIS B 69 30.34 2.96 -7.42
CA HIS B 69 30.29 2.52 -8.81
C HIS B 69 29.01 3.05 -9.43
N ASN B 70 29.14 3.73 -10.56
CA ASN B 70 28.00 4.30 -11.28
C ASN B 70 27.62 3.36 -12.43
N PHE B 71 26.34 2.97 -12.50
CA PHE B 71 25.89 2.09 -13.57
C PHE B 71 25.29 2.82 -14.76
N GLY B 72 25.27 4.15 -14.75
CA GLY B 72 24.94 4.87 -15.97
C GLY B 72 23.43 4.99 -16.14
N ASN B 73 22.99 4.98 -17.40
CA ASN B 73 21.56 5.19 -17.71
C ASN B 73 20.82 3.88 -17.50
N VAL B 74 20.19 3.73 -16.37
CA VAL B 74 19.45 2.51 -16.02
C VAL B 74 17.97 2.73 -16.33
N THR B 75 17.25 1.65 -16.61
CA THR B 75 15.85 1.75 -17.04
C THR B 75 14.92 1.29 -15.91
N SER B 76 13.92 2.13 -15.56
CA SER B 76 12.97 1.65 -14.55
C SER B 76 11.90 0.78 -15.23
N CYS B 77 11.23 -0.04 -14.39
CA CYS B 77 10.19 -0.87 -15.02
C CYS B 77 8.93 -0.05 -15.32
N GLY B 78 8.65 1.01 -14.58
CA GLY B 78 7.52 1.86 -14.95
C GLY B 78 7.71 3.32 -14.59
N THR B 79 6.61 4.10 -14.67
CA THR B 79 6.70 5.54 -14.47
C THR B 79 6.03 5.99 -13.19
N SER B 80 5.73 5.07 -12.27
CA SER B 80 5.08 5.45 -11.01
C SER B 80 5.57 4.53 -9.90
N ALA B 81 5.46 4.97 -8.65
CA ALA B 81 5.88 4.10 -7.55
C ALA B 81 4.95 2.89 -7.47
N ALA B 82 3.67 3.10 -7.74
CA ALA B 82 2.72 1.98 -7.61
C ALA B 82 3.15 0.82 -8.47
N TYR B 83 3.67 1.13 -9.66
CA TYR B 83 4.12 0.09 -10.58
C TYR B 83 5.55 -0.35 -10.24
N SER B 84 6.49 0.61 -10.09
CA SER B 84 7.90 0.23 -10.01
C SER B 84 8.26 -0.41 -8.68
N VAL B 85 7.81 0.16 -7.54
CA VAL B 85 8.33 -0.31 -6.25
C VAL B 85 8.09 -1.81 -6.03
N PRO B 86 6.85 -2.34 -6.17
CA PRO B 86 6.72 -3.80 -6.02
C PRO B 86 7.54 -4.57 -7.01
N CYS B 87 7.62 -4.11 -8.25
CA CYS B 87 8.38 -4.85 -9.24
C CYS B 87 9.87 -4.83 -8.92
N MET B 88 10.36 -3.73 -8.35
CA MET B 88 11.78 -3.67 -7.92
C MET B 88 12.20 -4.84 -7.02
N PHE B 89 11.29 -5.35 -6.19
CA PHE B 89 11.60 -6.40 -5.24
C PHE B 89 11.01 -7.75 -5.65
N SER B 90 10.54 -7.87 -6.87
CA SER B 90 9.86 -9.08 -7.30
CA SER B 90 9.85 -9.04 -7.38
C SER B 90 10.83 -10.03 -8.00
N TYR B 91 10.40 -11.27 -8.14
CA TYR B 91 11.10 -12.25 -8.97
C TYR B 91 10.59 -12.24 -10.40
N LEU B 92 9.43 -11.63 -10.63
CA LEU B 92 8.73 -11.70 -11.92
C LEU B 92 9.46 -10.92 -13.00
N GLY B 93 10.08 -9.79 -12.64
CA GLY B 93 10.63 -8.92 -13.65
C GLY B 93 9.54 -8.09 -14.34
N ALA B 94 9.99 -7.03 -15.00
CA ALA B 94 9.08 -6.06 -15.63
C ALA B 94 8.18 -6.70 -16.67
N GLU B 95 8.67 -7.70 -17.39
CA GLU B 95 7.95 -8.23 -18.55
C GLU B 95 6.73 -9.04 -18.14
N LYS B 96 6.80 -9.73 -17.01
CA LYS B 96 5.69 -10.59 -16.61
C LYS B 96 4.97 -10.05 -15.39
N TYR B 97 5.41 -8.91 -14.90
CA TYR B 97 4.88 -8.32 -13.69
C TYR B 97 3.47 -7.79 -13.91
N ASP B 98 2.55 -8.12 -13.00
CA ASP B 98 1.14 -7.69 -13.12
C ASP B 98 0.83 -6.94 -11.83
N VAL B 99 1.03 -5.62 -11.87
CA VAL B 99 0.99 -4.79 -10.67
C VAL B 99 -0.21 -5.14 -9.81
N ASP B 100 -1.25 -5.62 -10.44
CA ASP B 100 -2.40 -5.98 -9.66
C ASP B 100 -2.22 -7.17 -8.79
N THR B 101 -1.50 -8.16 -9.23
CA THR B 101 -1.37 -9.38 -8.44
C THR B 101 0.06 -9.66 -7.97
N ALA B 102 0.92 -8.63 -7.97
CA ALA B 102 2.26 -8.79 -7.45
C ALA B 102 2.24 -9.34 -6.02
N ASP B 103 1.22 -8.98 -5.22
CA ASP B 103 1.19 -9.34 -3.79
CA ASP B 103 1.26 -9.35 -3.81
C ASP B 103 0.93 -10.82 -3.55
N TYR B 104 0.46 -11.57 -4.54
CA TYR B 104 0.29 -13.00 -4.33
C TYR B 104 1.64 -13.77 -4.38
N HIS B 105 2.74 -13.15 -4.85
CA HIS B 105 4.02 -13.84 -5.06
C HIS B 105 5.02 -13.62 -3.92
N GLU B 106 5.82 -14.65 -3.62
CA GLU B 106 7.02 -14.48 -2.82
C GLU B 106 7.86 -13.39 -3.44
N ASN B 107 8.29 -12.41 -2.65
CA ASN B 107 9.28 -11.42 -3.18
C ASN B 107 10.63 -11.60 -2.48
N VAL B 108 11.62 -10.80 -2.89
CA VAL B 108 12.97 -11.09 -2.45
C VAL B 108 13.13 -10.79 -0.96
N ILE B 109 12.35 -9.84 -0.43
CA ILE B 109 12.33 -9.57 1.02
CA ILE B 109 12.40 -9.59 1.01
C ILE B 109 11.83 -10.80 1.78
N ASP B 110 10.78 -11.43 1.26
CA ASP B 110 10.27 -12.65 1.91
C ASP B 110 11.37 -13.71 1.99
N THR B 111 12.09 -13.90 0.87
CA THR B 111 13.14 -14.92 0.84
C THR B 111 14.21 -14.59 1.88
N LEU B 112 14.71 -13.36 1.87
CA LEU B 112 15.78 -12.98 2.79
C LEU B 112 15.33 -13.13 4.24
N ASP B 113 14.11 -12.71 4.53
CA ASP B 113 13.59 -12.87 5.90
C ASP B 113 13.48 -14.33 6.30
N ARG B 114 13.04 -15.19 5.39
CA ARG B 114 12.98 -16.62 5.70
C ARG B 114 14.36 -17.18 6.04
N LEU B 115 15.41 -16.69 5.39
CA LEU B 115 16.75 -17.20 5.65
C LEU B 115 17.43 -16.53 6.85
N GLY B 116 16.78 -15.60 7.51
CA GLY B 116 17.30 -15.09 8.77
C GLY B 116 17.97 -13.75 8.67
N VAL B 117 17.81 -13.05 7.56
CA VAL B 117 18.33 -11.68 7.43
C VAL B 117 17.39 -10.76 8.17
N ALA B 118 17.92 -9.85 8.96
CA ALA B 118 17.09 -8.97 9.79
C ALA B 118 16.75 -7.73 9.00
N ILE B 119 15.49 -7.60 8.60
CA ILE B 119 15.06 -6.60 7.64
C ILE B 119 14.35 -5.46 8.35
N LEU B 120 14.71 -4.22 8.00
CA LEU B 120 14.04 -3.02 8.48
C LEU B 120 13.70 -2.18 7.26
N TRP B 121 12.45 -1.70 7.17
CA TRP B 121 12.02 -0.80 6.08
C TRP B 121 11.56 0.50 6.71
N ARG B 122 12.26 1.60 6.44
CA ARG B 122 11.85 2.93 6.87
C ARG B 122 11.34 3.73 5.68
N ASP B 123 10.23 4.45 5.85
CA ASP B 123 9.54 4.98 4.68
C ASP B 123 9.20 6.45 4.90
N ASN B 124 9.86 7.34 4.13
CA ASN B 124 9.49 8.76 4.11
C ASN B 124 8.83 9.10 2.75
N ASN B 125 7.95 8.24 2.28
CA ASN B 125 7.44 8.44 0.92
C ASN B 125 5.93 8.17 0.90
N SER B 126 5.56 6.95 1.26
CA SER B 126 4.17 6.51 1.16
C SER B 126 4.08 5.21 1.96
N ASP B 127 4.40 4.09 1.34
CA ASP B 127 4.70 2.84 2.05
C ASP B 127 5.42 1.91 1.09
N SER B 128 5.55 0.63 1.48
CA SER B 128 6.32 -0.33 0.70
C SER B 128 5.53 -0.94 -0.48
N LYS B 129 4.31 -0.46 -0.74
CA LYS B 129 3.48 -0.92 -1.86
C LYS B 129 3.29 -2.44 -1.79
N GLY B 130 3.12 -2.92 -0.55
CA GLY B 130 2.86 -4.32 -0.28
C GLY B 130 4.08 -5.16 -0.02
N VAL B 131 5.29 -4.65 -0.32
CA VAL B 131 6.45 -5.54 -0.25
C VAL B 131 6.66 -6.08 1.17
N MET B 132 6.36 -5.30 2.19
CA MET B 132 6.63 -5.71 3.57
C MET B 132 5.43 -6.44 4.22
N ASN B 133 4.34 -6.70 3.47
CA ASN B 133 3.07 -7.06 4.13
C ASN B 133 3.11 -8.40 4.87
N ARG B 134 3.97 -9.31 4.46
CA ARG B 134 4.00 -10.61 5.13
C ARG B 134 4.96 -10.62 6.31
N LEU B 135 5.74 -9.55 6.51
CA LEU B 135 6.64 -9.52 7.67
C LEU B 135 5.92 -8.83 8.82
N PRO B 136 6.31 -9.13 10.06
CA PRO B 136 5.74 -8.41 11.22
C PRO B 136 5.73 -6.91 11.01
N ALA B 137 4.64 -6.29 11.48
CA ALA B 137 4.45 -4.84 11.32
C ALA B 137 5.60 -4.03 11.92
N LYS B 138 6.19 -4.52 13.03
CA LYS B 138 7.25 -3.74 13.70
C LYS B 138 8.50 -3.60 12.81
N GLN B 139 8.62 -4.39 11.78
CA GLN B 139 9.76 -4.27 10.84
C GLN B 139 9.58 -3.20 9.78
N TYR B 140 8.44 -2.52 9.75
CA TYR B 140 8.16 -1.39 8.87
C TYR B 140 7.91 -0.18 9.74
N GLN B 141 8.53 0.96 9.38
CA GLN B 141 8.37 2.16 10.19
C GLN B 141 8.03 3.35 9.31
N ASP B 142 6.94 4.03 9.66
CA ASP B 142 6.52 5.24 8.94
C ASP B 142 7.42 6.40 9.35
N TYR B 143 8.14 6.96 8.36
CA TYR B 143 9.04 8.11 8.55
C TYR B 143 8.56 9.34 7.81
N LYS B 144 7.32 9.34 7.33
CA LYS B 144 6.73 10.53 6.73
C LYS B 144 5.87 11.29 7.72
N ASN B 145 5.79 10.82 8.98
CA ASN B 145 5.08 11.46 10.06
C ASN B 145 6.05 11.62 11.21
N SER B 146 5.85 12.64 12.03
CA SER B 146 6.60 12.77 13.28
C SER B 146 6.00 11.84 14.34
N PRO B 147 6.66 11.65 15.51
CA PRO B 147 6.11 10.77 16.54
C PRO B 147 4.72 11.20 17.02
N LEU B 148 4.44 12.49 17.25
CA LEU B 148 3.11 12.82 17.77
C LEU B 148 2.03 12.63 16.70
N GLN B 149 2.43 12.63 15.44
CA GLN B 149 1.51 12.34 14.32
C GLN B 149 1.29 10.86 14.11
N GLY B 150 2.04 10.01 14.83
CA GLY B 150 1.93 8.57 14.74
C GLY B 150 3.05 7.88 14.03
N GLY B 151 4.07 8.62 13.55
CA GLY B 151 5.21 8.02 12.90
C GLY B 151 6.47 8.09 13.76
N ASN B 152 7.65 8.20 13.13
CA ASN B 152 8.89 8.08 13.85
C ASN B 152 9.91 9.17 13.55
N ASN B 153 9.65 10.04 12.58
CA ASN B 153 10.74 10.87 12.06
C ASN B 153 10.94 12.07 12.96
N THR B 154 12.17 12.24 13.48
CA THR B 154 12.45 13.35 14.38
C THR B 154 12.98 14.58 13.63
N ILE B 155 13.04 14.53 12.30
CA ILE B 155 13.50 15.67 11.53
C ILE B 155 12.38 16.13 10.59
N CYS B 156 11.31 16.69 11.17
CA CYS B 156 10.22 17.21 10.37
C CYS B 156 10.03 18.70 10.58
N HIS B 157 10.79 19.32 11.48
CA HIS B 157 10.48 20.70 11.80
C HIS B 157 11.65 21.60 11.46
N THR B 158 12.41 21.23 10.42
CA THR B 158 13.57 22.00 9.98
C THR B 158 13.23 22.94 8.85
N ASN B 159 11.97 23.10 8.53
CA ASN B 159 11.55 23.80 7.33
C ASN B 159 10.13 24.29 7.55
N PRO B 160 9.72 25.36 6.87
CA PRO B 160 8.40 25.95 7.14
C PRO B 160 7.22 25.11 6.68
N TYR B 161 7.44 24.01 5.98
CA TYR B 161 6.37 23.12 5.56
C TYR B 161 6.12 21.98 6.55
N ASP B 162 6.91 21.90 7.64
CA ASP B 162 6.86 20.78 8.58
C ASP B 162 6.96 19.45 7.84
N GLU B 163 7.72 19.43 6.74
CA GLU B 163 7.85 18.21 5.96
C GLU B 163 8.99 17.34 6.51
N CYS B 164 8.71 16.04 6.72
CA CYS B 164 9.75 15.17 7.24
C CYS B 164 10.84 14.95 6.19
N ARG B 165 12.08 14.92 6.65
CA ARG B 165 13.21 14.82 5.74
C ARG B 165 13.82 13.41 5.71
N ASP B 166 14.39 13.08 4.54
CA ASP B 166 14.99 11.76 4.37
C ASP B 166 16.07 11.49 5.41
N VAL B 167 16.89 12.50 5.77
CA VAL B 167 17.96 12.18 6.73
C VAL B 167 17.40 11.77 8.08
N GLY B 168 16.13 12.05 8.38
CA GLY B 168 15.55 11.55 9.64
C GLY B 168 15.52 10.03 9.71
N MET B 169 15.52 9.36 8.55
CA MET B 169 15.57 7.90 8.52
C MET B 169 16.91 7.36 8.95
N LEU B 170 17.97 8.19 8.93
CA LEU B 170 19.28 7.73 9.33
C LEU B 170 19.50 7.85 10.84
N VAL B 171 18.57 8.49 11.55
CA VAL B 171 18.75 8.68 13.00
C VAL B 171 18.76 7.32 13.70
N ASP B 172 19.84 7.07 14.42
CA ASP B 172 20.01 5.91 15.28
C ASP B 172 19.61 4.59 14.60
N LEU B 173 20.12 4.38 13.37
CA LEU B 173 20.10 3.03 12.82
C LEU B 173 20.96 2.07 13.63
N ASP B 174 21.85 2.57 14.52
CA ASP B 174 22.57 1.70 15.44
C ASP B 174 21.61 0.86 16.32
N ASP B 175 20.41 1.35 16.56
CA ASP B 175 19.45 0.59 17.37
C ASP B 175 19.20 -0.78 16.72
N HIS B 176 18.88 -0.75 15.45
CA HIS B 176 18.64 -1.96 14.71
C HIS B 176 19.88 -2.82 14.67
N VAL B 177 21.03 -2.23 14.38
CA VAL B 177 22.24 -3.05 14.32
C VAL B 177 22.52 -3.71 15.67
N LYS B 178 22.36 -2.96 16.76
CA LYS B 178 22.64 -3.56 18.07
C LYS B 178 21.62 -4.63 18.46
N ALA B 179 20.39 -4.52 17.99
CA ALA B 179 19.40 -5.57 18.24
C ALA B 179 19.67 -6.84 17.45
N HIS B 180 20.57 -6.82 16.49
CA HIS B 180 20.75 -7.96 15.58
C HIS B 180 22.22 -8.27 15.40
N ALA B 181 22.93 -8.44 16.52
CA ALA B 181 24.35 -8.81 16.47
C ALA B 181 24.54 -10.18 15.84
N ASN B 182 25.64 -10.34 15.10
CA ASN B 182 25.95 -11.61 14.42
C ASN B 182 24.83 -12.06 13.50
N GLN B 183 24.09 -11.13 12.92
CA GLN B 183 23.09 -11.43 11.91
C GLN B 183 23.34 -10.58 10.69
N ASP B 184 23.02 -11.13 9.51
CA ASP B 184 22.97 -10.32 8.31
C ASP B 184 21.81 -9.37 8.41
N ILE B 185 21.98 -8.18 7.85
CA ILE B 185 20.99 -7.09 8.01
C ILE B 185 20.74 -6.43 6.65
N LEU B 186 19.46 -6.19 6.32
CA LEU B 186 19.08 -5.33 5.20
C LEU B 186 18.23 -4.20 5.74
N ILE B 187 18.60 -2.96 5.40
CA ILE B 187 17.81 -1.78 5.76
C ILE B 187 17.38 -1.14 4.46
N VAL B 188 16.06 -0.98 4.28
CA VAL B 188 15.53 -0.29 3.09
C VAL B 188 15.10 1.09 3.53
N LEU B 189 15.56 2.13 2.81
CA LEU B 189 15.16 3.51 3.10
C LEU B 189 14.41 4.05 1.90
N HIS B 190 13.15 4.42 2.06
CA HIS B 190 12.31 4.82 0.92
C HIS B 190 12.19 6.34 0.97
N GLN B 191 12.87 7.02 0.02
CA GLN B 191 13.04 8.46 0.06
C GLN B 191 11.79 9.22 -0.37
N MET B 192 11.62 10.42 0.19
CA MET B 192 10.79 11.43 -0.46
C MET B 192 11.49 11.99 -1.71
N GLY B 193 12.82 12.20 -1.63
CA GLY B 193 13.60 12.48 -2.86
C GLY B 193 13.07 13.66 -3.68
N ASN B 194 12.96 13.44 -5.01
CA ASN B 194 12.64 14.52 -5.92
C ASN B 194 11.17 14.62 -6.28
N HIS B 195 10.27 14.10 -5.44
CA HIS B 195 8.85 14.20 -5.76
C HIS B 195 8.44 15.64 -6.02
N GLY B 196 7.59 15.86 -7.02
CA GLY B 196 7.05 17.18 -7.29
C GLY B 196 5.52 17.16 -7.29
N PRO B 197 4.88 18.23 -7.79
CA PRO B 197 5.48 19.34 -8.52
C PRO B 197 6.16 20.38 -7.65
N ALA B 198 5.95 20.35 -6.34
CA ALA B 198 6.48 21.42 -5.49
C ALA B 198 7.91 21.07 -5.05
N TYR B 199 8.81 21.04 -6.04
CA TYR B 199 10.17 20.62 -5.71
C TYR B 199 10.78 21.51 -4.64
N TYR B 200 10.40 22.79 -4.59
CA TYR B 200 11.06 23.69 -3.62
C TYR B 200 10.75 23.30 -2.20
N LYS B 201 9.78 22.43 -1.96
CA LYS B 201 9.51 21.98 -0.59
C LYS B 201 10.38 20.80 -0.16
N ARG B 202 11.19 20.27 -1.09
CA ARG B 202 11.83 18.97 -0.89
C ARG B 202 13.18 19.07 -0.21
N TYR B 203 13.70 20.27 0.06
CA TYR B 203 15.07 20.37 0.57
C TYR B 203 15.19 21.58 1.50
N ASP B 204 15.99 21.44 2.56
CA ASP B 204 16.25 22.58 3.42
C ASP B 204 17.13 23.64 2.74
N ASP B 205 17.18 24.84 3.36
CA ASP B 205 17.73 26.03 2.70
C ASP B 205 19.19 25.87 2.31
N GLU B 206 19.96 25.08 3.05
CA GLU B 206 21.34 24.79 2.69
C GLU B 206 21.50 24.32 1.25
N PHE B 207 20.48 23.67 0.68
CA PHE B 207 20.59 23.15 -0.68
C PHE B 207 19.93 24.04 -1.71
N ALA B 208 19.52 25.25 -1.32
CA ALA B 208 18.85 26.19 -2.23
C ALA B 208 19.94 26.93 -3.01
N GLN B 209 20.57 26.20 -3.92
CA GLN B 209 21.80 26.66 -4.56
C GLN B 209 21.66 27.04 -6.05
N PHE B 210 20.79 26.39 -6.80
CA PHE B 210 20.48 26.76 -8.18
C PHE B 210 19.26 27.68 -8.13
N LEU B 211 19.42 28.92 -8.56
CA LEU B 211 18.46 29.97 -8.30
C LEU B 211 18.23 30.78 -9.57
N PRO B 212 17.05 31.43 -9.69
CA PRO B 212 15.90 31.34 -8.77
C PRO B 212 15.05 30.09 -8.93
N VAL B 213 14.20 29.77 -7.94
CA VAL B 213 13.36 28.59 -8.06
C VAL B 213 11.91 28.96 -8.26
N CYS B 214 11.17 27.98 -8.78
CA CYS B 214 9.74 28.05 -8.91
C CYS B 214 9.13 27.75 -7.54
N THR B 215 8.21 28.59 -7.11
CA THR B 215 7.58 28.45 -5.81
C THR B 215 6.08 28.25 -5.98
N SER B 216 5.69 27.55 -7.02
CA SER B 216 4.29 27.23 -7.23
C SER B 216 4.15 25.77 -7.63
N SER B 217 3.04 25.16 -7.25
CA SER B 217 2.75 23.80 -7.69
C SER B 217 2.20 23.73 -9.11
N GLU B 218 1.83 24.85 -9.73
CA GLU B 218 1.40 24.81 -11.13
C GLU B 218 2.61 25.07 -12.01
N LEU B 219 3.35 23.99 -12.27
CA LEU B 219 4.61 24.04 -13.00
C LEU B 219 4.50 24.80 -14.32
N ALA B 220 3.42 24.54 -15.07
CA ALA B 220 3.21 25.19 -16.36
C ALA B 220 3.32 26.71 -16.25
N GLU B 221 2.95 27.26 -15.09
CA GLU B 221 2.93 28.71 -14.90
C GLU B 221 4.35 29.28 -14.77
N CYS B 222 5.21 28.64 -13.97
CA CYS B 222 6.60 29.08 -13.79
C CYS B 222 7.39 29.01 -15.10
N GLU B 223 8.56 29.63 -15.09
CA GLU B 223 9.45 29.46 -16.22
C GLU B 223 10.20 28.13 -16.06
N ARG B 224 10.41 27.46 -17.20
CA ARG B 224 10.98 26.11 -17.19
C ARG B 224 12.30 26.04 -16.44
N GLN B 225 13.19 27.01 -16.65
CA GLN B 225 14.48 26.95 -15.96
C GLN B 225 14.31 27.01 -14.43
N THR B 226 13.34 27.77 -13.94
CA THR B 226 13.18 27.85 -12.49
C THR B 226 12.59 26.54 -11.92
N VAL B 227 11.80 25.81 -12.72
CA VAL B 227 11.36 24.48 -12.31
C VAL B 227 12.55 23.53 -12.22
N ILE B 228 13.42 23.57 -13.23
CA ILE B 228 14.61 22.74 -13.23
C ILE B 228 15.55 23.11 -12.07
N ASN B 229 15.64 24.39 -11.73
CA ASN B 229 16.50 24.78 -10.63
C ASN B 229 16.06 24.13 -9.32
N ALA B 230 14.75 24.16 -9.01
CA ALA B 230 14.28 23.52 -7.79
C ALA B 230 14.49 22.01 -7.85
N TYR B 231 14.31 21.40 -9.03
CA TYR B 231 14.54 19.97 -9.13
C TYR B 231 15.99 19.62 -8.85
N ASP B 232 16.90 20.40 -9.39
CA ASP B 232 18.32 20.10 -9.19
C ASP B 232 18.74 20.39 -7.75
N ASN B 233 18.10 21.35 -7.07
CA ASN B 233 18.35 21.54 -5.65
C ASN B 233 17.92 20.31 -4.86
N ALA B 234 16.80 19.69 -5.22
CA ALA B 234 16.40 18.49 -4.51
C ALA B 234 17.38 17.36 -4.76
N LEU B 235 18.01 17.32 -5.95
CA LEU B 235 19.07 16.34 -6.13
C LEU B 235 20.24 16.60 -5.16
N LEU B 236 20.65 17.85 -4.99
CA LEU B 236 21.75 18.15 -4.06
C LEU B 236 21.43 17.57 -2.67
N ALA B 237 20.19 17.74 -2.21
CA ALA B 237 19.83 17.18 -0.90
C ALA B 237 19.90 15.66 -0.89
N THR B 238 19.56 15.02 -2.02
CA THR B 238 19.68 13.56 -2.07
C THR B 238 21.13 13.13 -2.07
N ASP B 239 21.99 13.87 -2.79
CA ASP B 239 23.42 13.60 -2.76
C ASP B 239 23.95 13.65 -1.32
N ASP B 240 23.51 14.64 -0.54
CA ASP B 240 23.92 14.72 0.87
C ASP B 240 23.36 13.55 1.70
N PHE B 241 22.10 13.21 1.46
CA PHE B 241 21.51 12.07 2.18
C PHE B 241 22.27 10.80 1.90
N LEU B 242 22.66 10.56 0.63
CA LEU B 242 23.44 9.38 0.32
C LEU B 242 24.82 9.45 0.98
N LYS B 243 25.42 10.65 1.03
CA LYS B 243 26.72 10.76 1.69
CA LYS B 243 26.71 10.78 1.70
C LYS B 243 26.60 10.42 3.18
N GLN B 244 25.54 10.89 3.85
CA GLN B 244 25.40 10.60 5.26
C GLN B 244 25.12 9.12 5.49
N THR B 245 24.44 8.47 4.53
CA THR B 245 24.17 7.04 4.64
C THR B 245 25.47 6.26 4.57
N ILE B 246 26.31 6.64 3.59
CA ILE B 246 27.60 5.99 3.44
C ILE B 246 28.48 6.25 4.65
N ASP B 247 28.47 7.48 5.19
CA ASP B 247 29.31 7.77 6.35
C ASP B 247 28.92 6.87 7.52
N TRP B 248 27.61 6.61 7.68
CA TRP B 248 27.17 5.72 8.76
C TRP B 248 27.65 4.29 8.52
N LEU B 249 27.47 3.77 7.29
CA LEU B 249 27.96 2.43 6.95
C LEU B 249 29.48 2.33 7.14
N ALA B 250 30.24 3.37 6.78
CA ALA B 250 31.69 3.27 6.88
C ALA B 250 32.16 3.12 8.32
N ALA B 251 31.31 3.49 9.28
CA ALA B 251 31.66 3.28 10.69
C ALA B 251 31.33 1.88 11.19
N GLN B 252 30.71 1.02 10.40
CA GLN B 252 30.36 -0.33 10.82
C GLN B 252 31.47 -1.27 10.38
N THR B 253 32.60 -1.14 11.03
CA THR B 253 33.78 -1.86 10.55
C THR B 253 33.76 -3.36 10.83
N HIS B 254 32.88 -3.85 11.68
CA HIS B 254 32.83 -5.29 11.86
CA HIS B 254 32.66 -5.27 11.97
C HIS B 254 31.92 -6.01 10.85
N ALA B 255 31.32 -5.31 9.92
CA ALA B 255 30.47 -5.90 8.91
C ALA B 255 31.09 -5.66 7.53
N ASP B 256 30.72 -6.48 6.57
CA ASP B 256 30.95 -6.14 5.17
C ASP B 256 29.72 -5.38 4.67
N THR B 257 29.92 -4.16 4.18
CA THR B 257 28.82 -3.23 3.95
C THR B 257 28.63 -2.90 2.47
N ALA B 258 27.43 -2.43 2.15
CA ALA B 258 27.07 -2.01 0.79
C ALA B 258 25.88 -1.05 0.87
N MET B 259 25.87 -0.09 -0.07
CA MET B 259 24.72 0.78 -0.23
C MET B 259 24.35 0.71 -1.70
N LEU B 260 23.14 0.29 -2.01
CA LEU B 260 22.62 0.28 -3.38
C LEU B 260 21.52 1.32 -3.48
N TYR B 261 21.58 2.19 -4.53
CA TYR B 261 20.61 3.27 -4.70
C TYR B 261 20.04 3.23 -6.12
N LEU B 262 18.70 3.17 -6.23
CA LEU B 262 18.03 3.36 -7.54
C LEU B 262 16.76 4.15 -7.33
N SER B 263 16.47 5.07 -8.24
CA SER B 263 15.19 5.78 -8.24
C SER B 263 14.06 4.85 -8.74
N ASP B 264 12.82 5.19 -8.40
CA ASP B 264 11.66 4.38 -8.88
C ASP B 264 11.26 4.70 -10.32
N HIS B 265 11.62 5.87 -10.84
CA HIS B 265 11.35 6.30 -12.22
C HIS B 265 11.98 7.69 -12.32
N GLY B 266 11.97 8.23 -13.55
CA GLY B 266 12.50 9.58 -13.77
C GLY B 266 11.41 10.63 -13.77
N GLU B 267 11.63 11.70 -14.56
CA GLU B 267 10.76 12.86 -14.51
C GLU B 267 10.87 13.62 -15.83
N SER B 268 9.75 14.02 -16.39
CA SER B 268 9.80 14.96 -17.52
C SER B 268 9.98 16.38 -16.99
N LEU B 269 10.80 17.18 -17.68
CA LEU B 269 11.08 18.54 -17.22
C LEU B 269 10.86 19.52 -18.36
N GLY B 270 9.75 19.33 -19.07
CA GLY B 270 9.37 20.23 -20.14
C GLY B 270 9.72 19.81 -21.56
N GLU B 271 10.28 18.61 -21.77
CA GLU B 271 10.58 18.16 -23.13
C GLU B 271 9.28 17.94 -23.90
N LYS B 272 9.16 18.59 -25.05
CA LYS B 272 7.90 18.61 -25.82
C LYS B 272 6.73 18.96 -24.90
N GLY B 273 6.98 19.84 -23.93
CA GLY B 273 5.92 20.39 -23.11
C GLY B 273 5.48 19.48 -21.96
N VAL B 274 6.08 18.34 -21.82
CA VAL B 274 5.61 17.35 -20.84
C VAL B 274 6.38 17.54 -19.53
N TYR B 275 5.66 17.49 -18.41
CA TYR B 275 6.22 17.58 -17.06
C TYR B 275 5.73 16.38 -16.23
N LEU B 276 6.35 16.18 -15.06
CA LEU B 276 5.98 15.12 -14.10
C LEU B 276 6.19 13.72 -14.70
N HIS B 277 5.40 12.72 -14.25
CA HIS B 277 5.65 11.34 -14.68
C HIS B 277 4.32 10.59 -14.79
N GLY B 278 4.29 9.30 -14.52
CA GLY B 278 2.98 8.58 -14.49
C GLY B 278 2.39 8.26 -15.85
N MET B 279 3.09 8.51 -16.94
CA MET B 279 2.51 8.21 -18.26
C MET B 279 2.54 6.71 -18.50
N PRO B 280 1.54 6.16 -19.17
CA PRO B 280 1.57 4.73 -19.52
C PRO B 280 2.85 4.41 -20.25
N LYS B 281 3.48 3.31 -19.85
CA LYS B 281 4.85 3.04 -20.30
C LYS B 281 4.92 2.92 -21.82
N ALA B 282 3.81 2.53 -22.48
CA ALA B 282 3.81 2.35 -23.92
C ALA B 282 4.28 3.61 -24.63
N PHE B 283 3.84 4.79 -24.16
CA PHE B 283 4.29 5.99 -24.84
C PHE B 283 4.87 7.02 -23.90
N ALA B 284 5.32 6.61 -22.74
CA ALA B 284 6.05 7.53 -21.90
C ALA B 284 7.37 7.96 -22.56
N PRO B 285 7.77 9.21 -22.44
CA PRO B 285 9.08 9.60 -22.98
C PRO B 285 10.20 8.95 -22.17
N LYS B 286 11.34 8.82 -22.84
CA LYS B 286 12.52 8.23 -22.20
C LYS B 286 12.87 8.86 -20.86
N GLU B 287 12.68 10.17 -20.67
CA GLU B 287 13.07 10.79 -19.40
C GLU B 287 12.35 10.17 -18.19
N GLN B 288 11.13 9.68 -18.38
CA GLN B 288 10.38 9.09 -17.24
C GLN B 288 10.86 7.70 -16.87
N LEU B 289 11.61 7.04 -17.76
CA LEU B 289 12.10 5.69 -17.52
C LEU B 289 13.60 5.63 -17.28
N SER B 290 14.29 6.77 -17.28
CA SER B 290 15.74 6.79 -17.21
C SER B 290 16.17 7.21 -15.81
N ILE B 291 16.83 6.30 -15.06
CA ILE B 291 17.10 6.56 -13.64
C ILE B 291 18.57 6.38 -13.31
N PRO B 292 19.07 7.07 -12.28
CA PRO B 292 20.42 6.81 -11.77
C PRO B 292 20.46 5.52 -10.97
N ALA B 293 21.64 4.92 -10.92
CA ALA B 293 21.87 3.71 -10.12
C ALA B 293 23.30 3.74 -9.59
N LEU B 294 23.50 3.61 -8.25
CA LEU B 294 24.83 3.67 -7.64
C LEU B 294 25.01 2.53 -6.66
N LEU B 295 26.24 2.04 -6.55
CA LEU B 295 26.58 1.04 -5.53
C LEU B 295 27.85 1.50 -4.81
N TRP B 296 27.77 1.62 -3.49
CA TRP B 296 28.94 1.84 -2.64
C TRP B 296 29.26 0.53 -1.94
N LEU B 297 30.57 0.21 -1.85
CA LEU B 297 31.03 -0.96 -1.13
C LEU B 297 32.01 -0.53 -0.06
N GLY B 298 31.92 -1.21 1.11
CA GLY B 298 32.79 -0.91 2.23
C GLY B 298 34.24 -1.34 2.04
N ALA B 299 35.07 -0.91 2.99
CA ALA B 299 36.50 -1.24 2.94
C ALA B 299 36.71 -2.74 2.84
N ASP B 300 37.72 -3.14 2.08
CA ASP B 300 38.14 -4.54 1.97
C ASP B 300 36.98 -5.43 1.50
N THR B 301 36.18 -4.91 0.56
CA THR B 301 34.95 -5.61 0.19
C THR B 301 35.28 -6.94 -0.48
N PRO B 302 34.49 -7.99 -0.21
CA PRO B 302 34.68 -9.22 -0.99
C PRO B 302 33.97 -9.19 -2.34
N PHE B 303 33.17 -8.18 -2.62
CA PHE B 303 32.32 -8.19 -3.81
C PHE B 303 33.00 -7.61 -5.05
N ALA B 304 32.62 -8.15 -6.20
CA ALA B 304 33.04 -7.65 -7.51
C ALA B 304 31.83 -7.06 -8.25
N VAL B 305 32.02 -5.91 -8.82
CA VAL B 305 30.93 -5.24 -9.50
C VAL B 305 30.82 -5.81 -10.92
N ALA B 306 29.59 -6.00 -11.40
CA ALA B 306 29.39 -6.50 -12.76
C ALA B 306 29.59 -5.37 -13.77
N ASN B 307 30.08 -5.72 -14.94
CA ASN B 307 30.16 -4.70 -15.99
C ASN B 307 28.82 -4.57 -16.70
N SER B 308 28.57 -3.36 -17.20
CA SER B 308 27.32 -3.08 -17.90
C SER B 308 27.20 -3.99 -19.11
N PRO B 309 26.20 -4.88 -19.19
CA PRO B 309 26.10 -5.80 -20.33
C PRO B 309 25.43 -5.12 -21.54
N THR B 310 25.31 -5.89 -22.65
CA THR B 310 24.82 -5.36 -23.92
C THR B 310 23.57 -4.51 -23.72
N ALA B 311 22.62 -5.04 -22.97
CA ALA B 311 21.30 -4.47 -22.79
C ALA B 311 21.23 -3.38 -21.72
N GLY B 312 22.37 -3.00 -21.10
CA GLY B 312 22.32 -2.06 -19.94
C GLY B 312 21.60 -2.72 -18.77
N PHE B 313 21.39 -1.94 -17.71
CA PHE B 313 20.75 -2.46 -16.51
C PHE B 313 19.35 -1.91 -16.40
N SER B 314 18.55 -2.56 -15.54
CA SER B 314 17.19 -2.12 -15.28
C SER B 314 16.85 -2.47 -13.81
N HIS B 315 15.65 -2.07 -13.41
CA HIS B 315 15.12 -2.51 -12.09
C HIS B 315 15.18 -4.02 -11.90
N ASP B 316 15.09 -4.80 -12.98
CA ASP B 316 15.15 -6.25 -12.83
C ASP B 316 16.45 -6.74 -12.18
N ALA B 317 17.52 -5.95 -12.19
CA ALA B 317 18.75 -6.41 -11.55
C ALA B 317 18.73 -6.31 -10.00
N ILE B 318 17.74 -5.67 -9.40
CA ILE B 318 17.81 -5.46 -7.95
C ILE B 318 17.69 -6.80 -7.19
N THR B 319 16.70 -7.62 -7.55
CA THR B 319 16.48 -8.85 -6.81
C THR B 319 17.69 -9.76 -6.84
N PRO B 320 18.28 -10.08 -8.00
CA PRO B 320 19.51 -10.87 -7.99
C PRO B 320 20.67 -10.19 -7.24
N THR B 321 20.78 -8.88 -7.30
CA THR B 321 21.84 -8.20 -6.56
C THR B 321 21.69 -8.44 -5.06
N LEU B 322 20.49 -8.24 -4.53
CA LEU B 322 20.27 -8.44 -3.10
C LEU B 322 20.57 -9.88 -2.70
N LEU B 323 20.10 -10.85 -3.50
CA LEU B 323 20.44 -12.25 -3.22
C LEU B 323 21.95 -12.47 -3.23
N ASN B 324 22.66 -11.88 -4.21
CA ASN B 324 24.12 -12.07 -4.24
C ASN B 324 24.82 -11.41 -3.04
N LEU B 325 24.35 -10.24 -2.60
CA LEU B 325 24.98 -9.58 -1.47
C LEU B 325 24.81 -10.39 -0.18
N PHE B 326 23.79 -11.25 -0.11
CA PHE B 326 23.61 -12.08 1.08
C PHE B 326 23.95 -13.53 0.82
N ASP B 327 24.66 -13.81 -0.28
CA ASP B 327 25.19 -15.15 -0.55
C ASP B 327 24.09 -16.20 -0.71
N VAL B 328 22.93 -15.79 -1.19
CA VAL B 328 21.80 -16.72 -1.32
C VAL B 328 21.91 -17.44 -2.65
N SER B 329 21.88 -18.77 -2.62
CA SER B 329 21.86 -19.57 -3.84
C SER B 329 20.41 -19.99 -4.13
N THR B 330 19.94 -19.68 -5.34
CA THR B 330 18.64 -20.19 -5.78
C THR B 330 18.59 -20.21 -7.30
N GLN B 331 17.84 -21.18 -7.85
CA GLN B 331 17.64 -21.22 -9.30
C GLN B 331 16.86 -20.02 -9.81
N ALA B 332 16.17 -19.30 -8.91
CA ALA B 332 15.35 -18.17 -9.33
C ALA B 332 16.14 -17.09 -10.02
N THR B 333 17.45 -17.00 -9.77
CA THR B 333 18.26 -15.95 -10.36
C THR B 333 19.21 -16.44 -11.45
N ALA B 334 19.08 -17.69 -11.88
CA ALA B 334 19.88 -18.21 -12.99
C ALA B 334 19.83 -17.26 -14.19
N ASP B 335 20.98 -16.91 -14.71
CA ASP B 335 21.10 -16.13 -15.94
C ASP B 335 20.48 -14.74 -15.81
N LYS B 336 20.15 -14.26 -14.61
CA LYS B 336 19.62 -12.91 -14.46
C LYS B 336 20.71 -11.87 -14.20
N THR B 337 20.59 -10.72 -14.82
CA THR B 337 21.55 -9.64 -14.60
C THR B 337 21.55 -9.22 -13.14
N ALA B 338 22.74 -8.95 -12.62
CA ALA B 338 22.87 -8.35 -11.29
C ALA B 338 23.94 -7.26 -11.34
N PHE B 339 23.89 -6.38 -10.31
CA PHE B 339 24.90 -5.30 -10.19
C PHE B 339 26.17 -5.80 -9.55
N VAL B 340 26.10 -6.93 -8.86
CA VAL B 340 27.22 -7.51 -8.15
C VAL B 340 27.26 -8.99 -8.50
N ASN B 341 28.47 -9.52 -8.76
CA ASN B 341 28.57 -10.94 -9.05
C ASN B 341 28.35 -11.77 -7.79
N PRO B 342 27.91 -13.00 -7.95
CA PRO B 342 27.86 -13.92 -6.81
C PRO B 342 29.28 -14.29 -6.39
N LEU B 343 29.47 -14.54 -5.09
CA LEU B 343 30.71 -15.11 -4.60
C LEU B 343 30.64 -16.63 -4.66
N ASP B 344 31.80 -17.27 -4.78
CA ASP B 344 31.86 -18.73 -4.69
C ASP B 344 32.97 -19.17 -3.73
ZN ZN C . -9.53 -8.82 -2.45
CA OPE D . -5.36 -9.51 -0.73
CB OPE D . -3.98 -9.38 -0.06
O1 OPE D . -6.10 -8.91 -4.47
O2 OPE D . -6.46 -10.91 -3.04
O3 OPE D . -7.57 -8.68 -2.70
O4 OPE D . -5.21 -9.00 -2.02
N OPE D . -4.00 -9.99 1.22
P OPE D . -6.42 -9.42 -3.05
S SO4 E . -36.39 3.01 -3.34
O1 SO4 E . -37.13 3.52 -2.17
O2 SO4 E . -37.29 2.90 -4.47
O3 SO4 E . -35.86 1.66 -3.07
O4 SO4 E . -35.29 3.95 -3.60
OXT 15P F . -2.33 -13.42 5.31
C1 15P F . -2.11 -13.36 6.73
C2 15P F . -1.25 -12.14 6.95
O1 15P F . -1.00 -11.98 8.34
C3 15P F . -0.15 -10.93 8.80
C4 15P F . 1.24 -11.32 8.47
O2 15P F . 2.15 -10.40 9.07
C5 15P F . 2.39 -11.31 10.16
C6 15P F . 3.73 -12.06 9.95
O3 15P F . 3.78 -13.07 10.98
C3 15P G . -0.64 17.21 7.56
C4 15P G . -1.25 15.84 7.86
O2 15P G . -0.17 14.92 8.12
C5 15P G . 0.12 14.27 6.88
C6 15P G . 1.13 13.13 7.10
O3 15P G . 1.45 12.56 5.81
C7 15P G . 2.43 13.51 5.35
C8 15P G . 2.65 13.19 3.89
O4 15P G . 3.49 14.07 3.12
C9 15P G . 3.29 13.54 1.80
C10 15P G . 4.03 14.33 0.80
O5 15P G . 3.70 13.70 -0.45
ZN ZN H . 7.77 7.80 -7.74
CA OPE I . 4.37 9.07 -4.95
CB OPE I . 3.20 9.54 -4.09
O1 OPE I . 5.89 7.67 -7.17
O2 OPE I . 3.94 7.44 -8.43
O3 OPE I . 4.64 9.76 -7.78
O4 OPE I . 3.84 8.24 -5.95
N OPE I . 3.73 10.15 -2.87
P OPE I . 4.64 8.34 -7.40
OXT 15P J . -3.19 19.89 -10.27
C1 15P J . -2.23 20.61 -9.44
C2 15P J . -1.52 19.53 -8.62
O1 15P J . -1.04 18.72 -9.72
C3 15P J . -0.60 17.40 -9.28
C4 15P J . -0.36 16.63 -10.59
O2 15P J . 0.01 15.24 -10.30
C5 15P J . 1.10 15.44 -9.42
C6 15P J . 1.12 14.43 -8.25
O3 15P J . 2.24 14.84 -7.43
#